data_4GTS
#
_entry.id   4GTS
#
_cell.length_a   66.636
_cell.length_b   91.366
_cell.length_c   114.093
_cell.angle_alpha   90.00
_cell.angle_beta   90.00
_cell.angle_gamma   90.00
#
_symmetry.space_group_name_H-M   'P 21 21 21'
#
loop_
_entity.id
_entity.type
_entity.pdbx_description
1 polymer 'Geranylgeranyl transferase type-2 subunit alpha'
2 polymer 'Geranylgeranyl transferase type-2 subunit beta'
3 non-polymer 'ZINC ION'
4 non-polymer 'CALCIUM ION'
5 non-polymer 5-{(3R)-3-(4-hydroxybenzyl)-4-[(4-methoxyphenyl)sulfonyl]-1-[(1-methyl-1H-imidazol-5-yl)methyl]-2,3,4,5-tetrahydro-1H-1,4-benzodiazepin-7-yl}furan-2-carbaldehyde
6 water water
#
loop_
_entity_poly.entity_id
_entity_poly.type
_entity_poly.pdbx_seq_one_letter_code
_entity_poly.pdbx_strand_id
1 'polypeptide(L)'
;MHGRLKVKTSEEQAEAKRLEREQKLKLYQSATQAVFQKRQAGELDESVLELTSQILGANPDFATLWNCRREVLQHLETEK
SPEESAALVKAELGFLESCLRVNPKSYGTWHHRCWLLSRLPEPNWARELELCARFLEADERNFHCWDYRRFVAAQAAVAP
AEELAFTDSLITRNFSNYSSWHYRSCLLPQLHPQPDSGPQGRLPENVLLKELELVQNAFFTDPNDQSAWFYHRWLLGAGS
GRCELSVEKSTVLQSELESCKELQELEPENKWCLLTIILLMRALDPLLYEKETLQYFSTLKAVDPMRAAYLDDLRSKFLL
ENSVLKMEYA
;
A
2 'polypeptide(L)'
;GTQQKDVTIKSDAPDTLLLEKHADYIASYGSKKDDYEYCMSEYLRMSGVYWGLTVMDLMGQLHRMNKEEILVFIKSCQHE
CGGVSASIGHDPHLLYTLSAVQILTLYDSIHVINVDKVVAYVQSLQKEDGSFAGDIWGEIDTRFSFCAVATLALLGKLDA
INVEKAIEFVLSCMNFDGGFGCRPGSESHAGQIYCCTGFLAITSQLHQVNSDLLGWWLCERQLPSGGLNGRPEKLPDVCY
SWWVLASLKIIGRLHWIDREKLRSFILACQDEETGGFADRPGDMVDPFHTLFGIAGLSLLGEEQIKPVSPVFCMPEEVLQ
RVNVQPELVS
;
B
#
# COMPACT_ATOMS: atom_id res chain seq x y z
N GLN A 13 -21.29 -25.69 -19.95
CA GLN A 13 -20.71 -24.65 -19.06
C GLN A 13 -20.77 -23.29 -19.75
N ALA A 14 -21.95 -22.97 -20.29
CA ALA A 14 -22.19 -21.72 -21.06
C ALA A 14 -23.10 -20.73 -20.30
N GLU A 15 -24.42 -20.84 -20.47
CA GLU A 15 -25.41 -19.99 -19.76
C GLU A 15 -25.54 -20.41 -18.30
N ALA A 16 -25.17 -21.66 -17.98
CA ALA A 16 -25.25 -22.23 -16.63
C ALA A 16 -24.55 -21.38 -15.55
N LYS A 17 -23.23 -21.20 -15.68
CA LYS A 17 -22.44 -20.43 -14.71
C LYS A 17 -22.93 -18.97 -14.55
N ARG A 18 -22.91 -18.21 -15.65
CA ARG A 18 -23.41 -16.81 -15.67
C ARG A 18 -24.93 -16.65 -15.52
N LEU A 19 -25.70 -17.75 -15.53
CA LEU A 19 -27.16 -17.69 -15.27
C LEU A 19 -27.43 -17.59 -13.78
N GLU A 20 -26.89 -18.56 -13.03
CA GLU A 20 -27.04 -18.68 -11.57
C GLU A 20 -26.46 -17.48 -10.79
N ARG A 21 -25.58 -16.70 -11.45
CA ARG A 21 -25.09 -15.42 -10.90
C ARG A 21 -26.28 -14.50 -10.70
N GLU A 22 -27.19 -14.45 -11.67
CA GLU A 22 -28.48 -13.76 -11.49
C GLU A 22 -29.29 -14.29 -10.28
N GLN A 23 -29.06 -15.56 -9.92
CA GLN A 23 -29.60 -16.17 -8.69
C GLN A 23 -28.80 -15.77 -7.46
N LYS A 24 -27.49 -16.04 -7.48
CA LYS A 24 -26.57 -15.73 -6.37
C LYS A 24 -26.55 -14.25 -5.97
N LEU A 25 -26.74 -13.38 -6.97
CA LEU A 25 -26.94 -11.95 -6.78
C LEU A 25 -28.27 -11.67 -6.08
N LYS A 26 -29.30 -12.39 -6.48
CA LYS A 26 -30.64 -12.25 -5.90
C LYS A 26 -30.66 -12.54 -4.39
N LEU A 27 -29.86 -13.53 -3.98
CA LEU A 27 -29.78 -13.91 -2.57
C LEU A 27 -29.07 -12.81 -1.79
N TYR A 28 -27.89 -12.43 -2.29
CA TYR A 28 -27.13 -11.32 -1.70
CA TYR A 28 -27.11 -11.29 -1.77
C TYR A 28 -28.00 -10.07 -1.60
N GLN A 29 -28.72 -9.74 -2.68
CA GLN A 29 -29.58 -8.58 -2.70
C GLN A 29 -30.66 -8.64 -1.62
N SER A 30 -31.35 -9.78 -1.50
CA SER A 30 -32.43 -9.91 -0.52
CA SER A 30 -32.43 -9.92 -0.53
C SER A 30 -31.91 -9.94 0.92
N ALA A 31 -30.84 -10.70 1.15
CA ALA A 31 -30.21 -10.73 2.47
C ALA A 31 -29.68 -9.36 2.88
N THR A 32 -28.95 -8.71 1.97
CA THR A 32 -28.52 -7.33 2.18
C THR A 32 -29.70 -6.41 2.50
N GLN A 33 -30.74 -6.41 1.67
CA GLN A 33 -32.01 -5.68 1.98
C GLN A 33 -32.51 -6.02 3.40
N ALA A 34 -32.58 -7.32 3.69
CA ALA A 34 -33.11 -7.80 4.98
C ALA A 34 -32.27 -7.22 6.10
N VAL A 35 -30.95 -7.34 5.97
CA VAL A 35 -30.03 -6.81 6.99
C VAL A 35 -30.32 -5.35 7.29
N PHE A 36 -30.48 -4.53 6.27
CA PHE A 36 -30.77 -3.09 6.47
C PHE A 36 -32.20 -2.86 7.02
N GLN A 37 -33.18 -3.58 6.48
CA GLN A 37 -34.52 -3.54 7.08
C GLN A 37 -34.38 -3.75 8.60
N LYS A 38 -33.78 -4.88 8.98
CA LYS A 38 -33.58 -5.25 10.38
C LYS A 38 -32.81 -4.24 11.22
N ARG A 39 -31.84 -3.60 10.60
CA ARG A 39 -31.01 -2.65 11.33
C ARG A 39 -31.77 -1.34 11.56
N GLN A 40 -32.44 -0.85 10.52
CA GLN A 40 -33.31 0.33 10.67
C GLN A 40 -34.41 0.07 11.73
N ALA A 41 -34.96 -1.16 11.76
CA ALA A 41 -35.93 -1.55 12.79
C ALA A 41 -35.41 -1.58 14.26
N GLY A 42 -34.10 -1.60 14.47
CA GLY A 42 -33.53 -1.75 15.82
C GLY A 42 -33.39 -3.20 16.28
N GLU A 43 -33.55 -4.14 15.34
CA GLU A 43 -33.50 -5.58 15.64
C GLU A 43 -32.08 -6.12 15.63
N LEU A 44 -31.33 -5.79 16.68
CA LEU A 44 -29.95 -6.21 16.86
C LEU A 44 -29.87 -7.65 17.44
N ASP A 45 -29.94 -8.66 16.56
CA ASP A 45 -30.11 -10.05 16.99
C ASP A 45 -29.48 -11.10 16.03
N GLU A 46 -29.65 -12.38 16.36
CA GLU A 46 -28.98 -13.52 15.71
C GLU A 46 -29.28 -13.57 14.22
N SER A 47 -30.43 -13.05 13.84
CA SER A 47 -30.84 -13.09 12.44
C SER A 47 -29.87 -12.32 11.55
N VAL A 48 -29.35 -11.20 12.09
CA VAL A 48 -28.39 -10.38 11.38
C VAL A 48 -27.06 -11.15 11.29
N LEU A 49 -26.70 -11.85 12.36
CA LEU A 49 -25.49 -12.70 12.33
C LEU A 49 -25.61 -13.75 11.24
N GLU A 50 -26.79 -14.34 11.11
CA GLU A 50 -26.98 -15.43 10.16
C GLU A 50 -26.98 -14.89 8.72
N LEU A 51 -27.73 -13.83 8.47
CA LEU A 51 -27.69 -13.14 7.16
C LEU A 51 -26.28 -12.61 6.78
N THR A 52 -25.65 -11.85 7.66
CA THR A 52 -24.33 -11.33 7.32
C THR A 52 -23.32 -12.48 7.06
N SER A 53 -23.47 -13.59 7.78
CA SER A 53 -22.58 -14.74 7.59
C SER A 53 -22.54 -15.14 6.16
N GLN A 54 -23.71 -15.12 5.54
CA GLN A 54 -23.91 -15.55 4.16
C GLN A 54 -23.30 -14.60 3.14
N ILE A 55 -23.11 -13.33 3.52
CA ILE A 55 -22.62 -12.31 2.57
C ILE A 55 -21.11 -12.06 2.75
N LEU A 56 -20.65 -12.07 4.00
CA LEU A 56 -19.26 -11.72 4.30
C LEU A 56 -18.22 -12.73 3.81
N GLY A 57 -18.62 -14.00 3.68
CA GLY A 57 -17.72 -15.04 3.21
C GLY A 57 -17.32 -14.87 1.74
N ALA A 58 -18.28 -14.50 0.92
CA ALA A 58 -18.00 -14.16 -0.46
C ALA A 58 -17.44 -12.75 -0.59
N ASN A 59 -17.90 -11.83 0.26
CA ASN A 59 -17.67 -10.42 0.07
C ASN A 59 -17.19 -9.72 1.33
N PRO A 60 -15.98 -10.05 1.80
CA PRO A 60 -15.49 -9.54 3.09
C PRO A 60 -15.08 -8.07 3.09
N ASP A 61 -14.93 -7.44 1.93
CA ASP A 61 -14.64 -6.00 1.90
C ASP A 61 -15.91 -5.17 2.07
N PHE A 62 -17.06 -5.85 2.28
CA PHE A 62 -18.31 -5.15 2.54
C PHE A 62 -18.34 -4.68 4.00
N ALA A 63 -17.62 -3.59 4.26
CA ALA A 63 -17.35 -3.08 5.62
C ALA A 63 -18.57 -2.86 6.51
N THR A 64 -19.66 -2.35 5.93
CA THR A 64 -20.78 -1.97 6.76
C THR A 64 -21.34 -3.21 7.42
N LEU A 65 -21.36 -4.34 6.72
CA LEU A 65 -21.81 -5.58 7.34
C LEU A 65 -20.95 -6.05 8.53
N TRP A 66 -19.63 -5.82 8.53
CA TRP A 66 -18.83 -6.07 9.75
C TRP A 66 -19.24 -5.18 10.92
N ASN A 67 -19.65 -3.96 10.60
CA ASN A 67 -20.13 -3.04 11.63
C ASN A 67 -21.39 -3.55 12.31
N CYS A 68 -22.37 -4.03 11.52
CA CYS A 68 -23.59 -4.63 12.08
C CYS A 68 -23.25 -5.81 12.97
N ARG A 69 -22.29 -6.63 12.55
CA ARG A 69 -21.93 -7.76 13.37
C ARG A 69 -21.50 -7.24 14.69
N ARG A 70 -20.75 -6.14 14.68
CA ARG A 70 -20.26 -5.55 15.92
C ARG A 70 -21.40 -4.98 16.76
N GLU A 71 -22.27 -4.24 16.11
CA GLU A 71 -23.39 -3.61 16.82
C GLU A 71 -24.27 -4.69 17.42
N VAL A 72 -24.44 -5.82 16.72
CA VAL A 72 -25.16 -6.94 17.27
C VAL A 72 -24.46 -7.52 18.48
N LEU A 73 -23.18 -7.81 18.37
CA LEU A 73 -22.51 -8.52 19.46
C LEU A 73 -22.43 -7.64 20.64
N GLN A 74 -22.07 -6.37 20.44
CA GLN A 74 -22.08 -5.40 21.55
C GLN A 74 -23.40 -5.31 22.30
N HIS A 75 -24.50 -5.27 21.55
CA HIS A 75 -25.82 -5.23 22.15
C HIS A 75 -26.20 -6.54 22.85
N LEU A 76 -26.01 -7.67 22.16
CA LEU A 76 -26.33 -9.00 22.70
C LEU A 76 -25.63 -9.23 24.03
N GLU A 77 -24.39 -8.79 24.15
CA GLU A 77 -23.60 -9.05 25.34
C GLU A 77 -24.20 -8.39 26.59
N THR A 78 -25.04 -7.36 26.37
CA THR A 78 -25.75 -6.67 27.45
C THR A 78 -26.88 -7.51 28.04
N GLU A 79 -27.56 -8.27 27.19
CA GLU A 79 -28.72 -9.08 27.64
C GLU A 79 -28.59 -10.59 27.43
N LYS A 80 -27.39 -11.12 27.69
CA LYS A 80 -27.12 -12.55 27.68
C LYS A 80 -26.10 -12.79 28.77
N SER A 81 -26.08 -14.00 29.31
CA SER A 81 -25.17 -14.36 30.41
C SER A 81 -23.70 -14.25 30.00
N PRO A 82 -22.79 -14.26 31.00
CA PRO A 82 -21.37 -14.44 30.69
C PRO A 82 -21.18 -15.63 29.74
N GLU A 83 -21.82 -16.74 30.09
CA GLU A 83 -21.65 -18.02 29.39
C GLU A 83 -22.28 -18.00 27.97
N GLU A 84 -23.38 -17.28 27.77
CA GLU A 84 -23.96 -17.11 26.43
C GLU A 84 -23.12 -16.15 25.57
N SER A 85 -22.52 -15.14 26.22
CA SER A 85 -21.58 -14.23 25.53
C SER A 85 -20.26 -14.90 25.13
N ALA A 86 -19.79 -15.80 25.99
CA ALA A 86 -18.63 -16.62 25.75
C ALA A 86 -18.79 -17.46 24.48
N ALA A 87 -19.98 -18.05 24.33
CA ALA A 87 -20.29 -18.93 23.22
C ALA A 87 -20.32 -18.12 21.96
N LEU A 88 -20.94 -16.95 22.01
CA LEU A 88 -21.02 -16.07 20.82
C LEU A 88 -19.66 -15.65 20.32
N VAL A 89 -18.73 -15.42 21.26
CA VAL A 89 -17.37 -15.02 20.93
C VAL A 89 -16.65 -16.15 20.19
N LYS A 90 -16.60 -17.30 20.85
CA LYS A 90 -16.09 -18.54 20.22
C LYS A 90 -16.67 -18.82 18.84
N ALA A 91 -17.97 -18.60 18.64
CA ALA A 91 -18.56 -18.83 17.31
C ALA A 91 -18.09 -17.79 16.35
N GLU A 92 -17.88 -16.58 16.87
CA GLU A 92 -17.38 -15.50 16.08
C GLU A 92 -15.96 -15.77 15.66
N LEU A 93 -15.15 -16.38 16.52
CA LEU A 93 -13.81 -16.79 16.11
C LEU A 93 -13.82 -17.82 15.00
N GLY A 94 -14.71 -18.81 15.09
CA GLY A 94 -14.77 -19.86 14.08
C GLY A 94 -15.22 -19.26 12.76
N PHE A 95 -16.19 -18.36 12.83
CA PHE A 95 -16.64 -17.67 11.63
C PHE A 95 -15.53 -16.85 10.98
N LEU A 96 -14.81 -16.10 11.81
CA LEU A 96 -13.65 -15.36 11.33
C LEU A 96 -12.64 -16.24 10.67
N GLU A 97 -12.35 -17.40 11.26
CA GLU A 97 -11.33 -18.30 10.68
C GLU A 97 -11.74 -18.81 9.35
N SER A 98 -13.03 -19.14 9.18
CA SER A 98 -13.47 -19.65 7.89
CA SER A 98 -13.58 -19.60 7.91
C SER A 98 -13.43 -18.54 6.81
N CYS A 99 -13.80 -17.31 7.14
CA CYS A 99 -13.68 -16.20 6.17
C CYS A 99 -12.23 -16.00 5.72
N LEU A 100 -11.29 -16.07 6.64
CA LEU A 100 -9.87 -15.96 6.32
C LEU A 100 -9.34 -17.04 5.37
N ARG A 101 -9.86 -18.26 5.47
CA ARG A 101 -9.46 -19.34 4.55
C ARG A 101 -9.87 -18.97 3.14
N VAL A 102 -11.07 -18.46 2.97
CA VAL A 102 -11.54 -18.07 1.66
C VAL A 102 -10.82 -16.84 1.13
N ASN A 103 -10.71 -15.80 1.96
CA ASN A 103 -9.98 -14.58 1.60
C ASN A 103 -9.07 -14.06 2.71
N PRO A 104 -7.79 -14.41 2.65
CA PRO A 104 -6.86 -13.98 3.71
C PRO A 104 -6.29 -12.55 3.58
N LYS A 105 -6.59 -11.83 2.49
CA LYS A 105 -6.03 -10.49 2.24
C LYS A 105 -7.16 -9.45 2.20
N SER A 106 -7.95 -9.37 3.26
CA SER A 106 -9.03 -8.41 3.35
C SER A 106 -8.88 -7.74 4.69
N TYR A 107 -8.86 -6.42 4.67
CA TYR A 107 -8.64 -5.60 5.84
C TYR A 107 -9.72 -5.85 6.83
N GLY A 108 -10.95 -5.90 6.36
CA GLY A 108 -12.09 -5.98 7.27
C GLY A 108 -12.08 -7.19 8.18
N THR A 109 -11.60 -8.30 7.66
CA THR A 109 -11.72 -9.57 8.35
C THR A 109 -10.73 -9.59 9.47
N TRP A 110 -9.53 -9.15 9.16
CA TRP A 110 -8.48 -9.07 10.16
C TRP A 110 -8.83 -8.02 11.21
N HIS A 111 -9.31 -6.87 10.80
CA HIS A 111 -9.63 -5.84 11.79
C HIS A 111 -10.70 -6.31 12.79
N HIS A 112 -11.72 -6.98 12.26
CA HIS A 112 -12.75 -7.51 13.10
C HIS A 112 -12.21 -8.56 14.09
N ARG A 113 -11.24 -9.38 13.69
CA ARG A 113 -10.67 -10.31 14.67
C ARG A 113 -9.94 -9.58 15.80
N CYS A 114 -9.19 -8.56 15.42
CA CYS A 114 -8.49 -7.72 16.38
CA CYS A 114 -8.50 -7.69 16.39
C CYS A 114 -9.48 -7.03 17.33
N TRP A 115 -10.59 -6.53 16.79
CA TRP A 115 -11.63 -5.89 17.60
C TRP A 115 -12.23 -6.90 18.57
N LEU A 116 -12.48 -8.12 18.07
CA LEU A 116 -13.06 -9.16 18.91
C LEU A 116 -12.16 -9.50 20.08
N LEU A 117 -10.88 -9.75 19.79
CA LEU A 117 -9.92 -10.16 20.84
C LEU A 117 -9.56 -9.00 21.80
N SER A 118 -9.47 -7.78 21.27
CA SER A 118 -9.13 -6.58 22.06
C SER A 118 -10.05 -6.38 23.25
N ARG A 119 -11.28 -6.89 23.17
CA ARG A 119 -12.30 -6.69 24.22
C ARG A 119 -12.62 -7.92 25.09
N LEU A 120 -12.03 -9.07 24.80
CA LEU A 120 -12.27 -10.25 25.63
C LEU A 120 -11.52 -10.13 26.96
N PRO A 121 -12.06 -10.75 28.00
CA PRO A 121 -11.50 -10.71 29.34
C PRO A 121 -10.21 -11.49 29.39
N GLU A 122 -10.28 -12.72 28.94
CA GLU A 122 -9.12 -13.58 28.96
C GLU A 122 -8.87 -14.16 27.58
N PRO A 123 -8.34 -13.34 26.68
CA PRO A 123 -8.06 -13.79 25.32
C PRO A 123 -6.94 -14.80 25.29
N ASN A 124 -7.05 -15.80 24.44
CA ASN A 124 -6.00 -16.81 24.29
C ASN A 124 -5.03 -16.49 23.17
N TRP A 125 -4.02 -15.68 23.45
CA TRP A 125 -3.08 -15.24 22.45
C TRP A 125 -2.22 -16.38 21.86
N ALA A 126 -1.72 -17.28 22.69
CA ALA A 126 -0.94 -18.41 22.17
C ALA A 126 -1.58 -18.99 20.93
N ARG A 127 -2.89 -19.22 21.01
CA ARG A 127 -3.66 -19.78 19.90
C ARG A 127 -3.58 -18.84 18.68
N GLU A 128 -3.69 -17.55 18.94
CA GLU A 128 -3.64 -16.55 17.90
C GLU A 128 -2.25 -16.47 17.27
N LEU A 129 -1.17 -16.51 18.06
CA LEU A 129 0.17 -16.68 17.50
C LEU A 129 0.28 -17.90 16.57
N GLU A 130 -0.34 -19.01 16.94
CA GLU A 130 -0.27 -20.22 16.13
C GLU A 130 -1.12 -20.02 14.90
N LEU A 131 -2.26 -19.39 15.07
CA LEU A 131 -3.09 -19.07 13.91
C LEU A 131 -2.18 -18.38 12.90
N CYS A 132 -1.38 -17.44 13.39
CA CYS A 132 -0.47 -16.71 12.55
C CYS A 132 0.57 -17.61 11.90
N ALA A 133 1.17 -18.51 12.66
CA ALA A 133 2.14 -19.41 12.08
C ALA A 133 1.47 -20.22 10.95
N ARG A 134 0.20 -20.62 11.14
CA ARG A 134 -0.48 -21.37 10.08
C ARG A 134 -0.67 -20.53 8.81
N PHE A 135 -1.07 -19.26 8.95
CA PHE A 135 -1.32 -18.45 7.75
C PHE A 135 -0.02 -18.02 7.05
N LEU A 136 1.08 -17.95 7.79
CA LEU A 136 2.37 -17.59 7.24
C LEU A 136 3.07 -18.80 6.56
N GLU A 137 2.67 -20.01 6.93
CA GLU A 137 3.02 -21.18 6.16
C GLU A 137 2.28 -21.16 4.85
N ALA A 138 1.01 -20.81 4.86
CA ALA A 138 0.29 -20.63 3.58
C ALA A 138 0.92 -19.53 2.71
N ASP A 139 1.11 -18.35 3.27
CA ASP A 139 1.58 -17.18 2.50
C ASP A 139 2.48 -16.36 3.40
N GLU A 140 3.77 -16.51 3.16
CA GLU A 140 4.79 -15.98 4.04
C GLU A 140 4.93 -14.47 3.82
N ARG A 141 4.28 -13.98 2.78
CA ARG A 141 4.26 -12.58 2.47
C ARG A 141 2.93 -11.92 2.87
N ASN A 142 2.03 -12.61 3.59
CA ASN A 142 0.76 -11.97 3.92
C ASN A 142 0.93 -10.88 4.95
N PHE A 143 0.82 -9.61 4.53
CA PHE A 143 1.16 -8.49 5.43
C PHE A 143 0.09 -8.23 6.48
N HIS A 144 -1.15 -8.55 6.14
CA HIS A 144 -2.23 -8.58 7.17
C HIS A 144 -1.88 -9.55 8.27
N CYS A 145 -1.29 -10.66 7.89
CA CYS A 145 -1.01 -11.67 8.86
C CYS A 145 0.15 -11.29 9.71
N TRP A 146 1.21 -10.78 9.09
CA TRP A 146 2.36 -10.21 9.83
C TRP A 146 1.92 -9.09 10.76
N ASP A 147 1.11 -8.16 10.26
CA ASP A 147 0.58 -7.06 11.09
C ASP A 147 -0.19 -7.59 12.26
N TYR A 148 -1.04 -8.56 12.01
CA TYR A 148 -1.80 -9.13 13.09
C TYR A 148 -0.86 -9.87 14.05
N ARG A 149 0.16 -10.52 13.52
CA ARG A 149 1.13 -11.16 14.38
C ARG A 149 1.79 -10.18 15.33
N ARG A 150 2.22 -9.01 14.86
CA ARG A 150 2.79 -7.99 15.77
C ARG A 150 1.81 -7.51 16.83
N PHE A 151 0.55 -7.35 16.43
CA PHE A 151 -0.49 -6.99 17.38
C PHE A 151 -0.58 -8.05 18.48
N VAL A 152 -0.66 -9.32 18.11
CA VAL A 152 -0.71 -10.39 19.09
C VAL A 152 0.56 -10.39 19.96
N ALA A 153 1.72 -10.32 19.33
CA ALA A 153 3.00 -10.27 20.03
C ALA A 153 2.99 -9.20 21.14
N ALA A 154 2.65 -7.97 20.78
CA ALA A 154 2.52 -6.88 21.73
C ALA A 154 1.49 -7.22 22.81
N GLN A 155 0.28 -7.58 22.43
CA GLN A 155 -0.76 -7.81 23.45
C GLN A 155 -0.31 -8.82 24.50
N ALA A 156 0.42 -9.85 24.09
CA ALA A 156 0.89 -10.89 24.99
C ALA A 156 2.31 -10.62 25.52
N ALA A 157 2.79 -9.38 25.34
CA ALA A 157 4.12 -9.01 25.76
C ALA A 157 5.13 -10.06 25.37
N VAL A 158 5.12 -10.47 24.11
CA VAL A 158 6.13 -11.40 23.59
C VAL A 158 7.42 -10.57 23.46
N ALA A 159 8.54 -11.24 23.70
CA ALA A 159 9.85 -10.61 23.76
C ALA A 159 10.49 -10.63 22.39
N PRO A 160 11.10 -9.52 21.99
CA PRO A 160 11.81 -9.45 20.72
C PRO A 160 12.61 -10.71 20.32
N ALA A 161 13.30 -11.34 21.28
CA ALA A 161 14.12 -12.52 20.96
C ALA A 161 13.28 -13.70 20.44
N GLU A 162 12.08 -13.89 21.00
CA GLU A 162 11.15 -14.95 20.52
C GLU A 162 10.87 -14.75 19.05
N GLU A 163 10.42 -13.54 18.74
CA GLU A 163 10.09 -13.14 17.36
C GLU A 163 11.31 -13.18 16.46
N LEU A 164 12.48 -12.83 16.97
CA LEU A 164 13.70 -12.95 16.20
C LEU A 164 14.00 -14.43 15.90
N ALA A 165 13.79 -15.32 16.87
CA ALA A 165 13.99 -16.78 16.65
C ALA A 165 12.99 -17.30 15.62
N PHE A 166 11.74 -16.84 15.70
CA PHE A 166 10.74 -17.15 14.66
C PHE A 166 11.17 -16.71 13.25
N THR A 167 11.76 -15.52 13.12
CA THR A 167 12.15 -15.03 11.80
C THR A 167 13.31 -15.83 11.24
N ASP A 168 14.17 -16.36 12.13
CA ASP A 168 15.33 -17.11 11.68
C ASP A 168 14.93 -18.40 10.95
N SER A 169 14.12 -19.21 11.63
CA SER A 169 13.65 -20.47 11.06
C SER A 169 12.93 -20.21 9.75
N LEU A 170 12.11 -19.17 9.73
CA LEU A 170 11.38 -18.87 8.51
C LEU A 170 12.32 -18.57 7.32
N ILE A 171 13.43 -17.90 7.61
CA ILE A 171 14.38 -17.43 6.56
C ILE A 171 15.08 -18.62 5.88
N THR A 172 15.48 -19.59 6.70
CA THR A 172 16.20 -20.77 6.22
C THR A 172 15.23 -21.80 5.56
N ARG A 173 14.09 -22.07 6.20
CA ARG A 173 13.07 -23.02 5.67
C ARG A 173 12.71 -22.80 4.16
N ASN A 174 12.75 -21.54 3.70
CA ASN A 174 12.34 -21.18 2.32
C ASN A 174 12.82 -19.80 1.85
N PHE A 175 12.55 -19.48 0.57
CA PHE A 175 12.69 -18.12 0.05
C PHE A 175 11.44 -17.33 0.49
N SER A 176 10.96 -16.42 -0.38
CA SER A 176 9.86 -15.47 -0.03
C SER A 176 10.02 -14.78 1.37
N ASN A 177 11.17 -14.12 1.53
CA ASN A 177 11.69 -13.68 2.83
C ASN A 177 11.68 -12.15 3.08
N TYR A 178 11.14 -11.35 2.14
CA TYR A 178 11.16 -9.89 2.29
C TYR A 178 10.43 -9.51 3.57
N SER A 179 9.31 -10.15 3.88
CA SER A 179 8.59 -9.81 5.11
C SER A 179 9.38 -10.20 6.37
N SER A 180 10.07 -11.34 6.33
CA SER A 180 10.84 -11.80 7.47
C SER A 180 12.00 -10.88 7.72
N TRP A 181 12.76 -10.56 6.68
CA TRP A 181 13.86 -9.65 6.82
C TRP A 181 13.34 -8.31 7.31
N HIS A 182 12.25 -7.82 6.76
CA HIS A 182 11.73 -6.55 7.24
C HIS A 182 11.43 -6.62 8.74
N TYR A 183 10.86 -7.73 9.17
CA TYR A 183 10.52 -7.87 10.57
C TYR A 183 11.78 -7.83 11.41
N ARG A 184 12.89 -8.32 10.86
CA ARG A 184 14.12 -8.37 11.65
C ARG A 184 14.72 -7.01 11.80
N SER A 185 14.61 -6.20 10.72
CA SER A 185 15.03 -4.81 10.78
C SER A 185 14.38 -4.02 11.92
N CYS A 186 13.15 -4.39 12.38
CA CYS A 186 12.52 -3.77 13.56
C CYS A 186 12.82 -4.41 14.88
N LEU A 187 13.00 -5.72 14.89
CA LEU A 187 13.28 -6.44 16.10
C LEU A 187 14.69 -6.07 16.60
N LEU A 188 15.71 -6.21 15.76
CA LEU A 188 17.09 -5.89 16.15
C LEU A 188 17.32 -4.56 16.89
N PRO A 189 16.86 -3.42 16.33
CA PRO A 189 16.90 -2.18 17.13
C PRO A 189 16.29 -2.31 18.53
N GLN A 190 15.24 -3.11 18.71
CA GLN A 190 14.60 -3.22 20.03
C GLN A 190 15.46 -4.00 20.99
N LEU A 191 16.21 -4.96 20.47
CA LEU A 191 17.08 -5.81 21.28
C LEU A 191 18.26 -5.05 21.85
N HIS A 192 18.62 -3.96 21.19
CA HIS A 192 19.70 -3.07 21.62
C HIS A 192 19.18 -1.61 21.55
N PRO A 193 18.25 -1.25 22.46
CA PRO A 193 17.46 0.00 22.32
C PRO A 193 18.25 1.31 22.60
N GLN A 194 18.64 2.00 21.51
CA GLN A 194 19.34 3.29 21.55
C GLN A 194 18.36 4.44 21.25
N PRO A 195 18.49 5.60 21.94
CA PRO A 195 17.59 6.74 21.66
C PRO A 195 18.06 7.58 20.47
N ARG A 202 21.78 2.17 13.79
CA ARG A 202 22.57 2.32 15.03
C ARG A 202 22.76 0.98 15.78
N LEU A 203 22.99 -0.09 15.01
CA LEU A 203 23.29 -1.43 15.53
C LEU A 203 24.73 -1.56 16.10
N PRO A 204 24.92 -2.28 17.23
CA PRO A 204 26.28 -2.60 17.69
C PRO A 204 27.03 -3.52 16.71
N GLU A 205 28.35 -3.41 16.67
CA GLU A 205 29.10 -4.13 15.68
C GLU A 205 28.96 -5.66 15.78
N ASN A 206 28.87 -6.22 16.99
CA ASN A 206 28.75 -7.68 17.10
C ASN A 206 27.45 -8.22 16.49
N VAL A 207 26.34 -7.53 16.73
CA VAL A 207 25.05 -7.90 16.15
C VAL A 207 25.11 -7.72 14.64
N LEU A 208 25.59 -6.56 14.23
CA LEU A 208 25.79 -6.26 12.81
C LEU A 208 26.57 -7.38 12.07
N LEU A 209 27.71 -7.80 12.65
CA LEU A 209 28.50 -8.90 12.09
C LEU A 209 27.73 -10.21 12.01
N LYS A 210 26.98 -10.59 13.04
CA LYS A 210 26.15 -11.80 12.91
C LYS A 210 25.11 -11.65 11.79
N GLU A 211 24.53 -10.45 11.67
CA GLU A 211 23.57 -10.18 10.60
C GLU A 211 24.26 -10.24 9.26
N LEU A 212 25.47 -9.71 9.13
CA LEU A 212 26.09 -9.79 7.83
C LEU A 212 26.29 -11.24 7.41
N GLU A 213 26.72 -12.06 8.37
CA GLU A 213 26.96 -13.46 8.11
C GLU A 213 25.69 -14.18 7.70
N LEU A 214 24.59 -13.90 8.39
CA LEU A 214 23.30 -14.51 8.08
C LEU A 214 22.79 -14.10 6.69
N VAL A 215 22.87 -12.81 6.37
CA VAL A 215 22.33 -12.28 5.12
C VAL A 215 23.25 -12.69 3.97
N GLN A 216 24.55 -12.77 4.25
CA GLN A 216 25.53 -13.32 3.30
C GLN A 216 25.16 -14.75 2.86
N ASN A 217 24.87 -15.65 3.80
CA ASN A 217 24.46 -17.00 3.41
C ASN A 217 23.25 -16.93 2.51
N ALA A 218 22.22 -16.21 2.93
CA ALA A 218 20.99 -16.09 2.11
C ALA A 218 21.35 -15.77 0.69
N PHE A 219 22.07 -14.68 0.45
CA PHE A 219 22.27 -14.28 -0.94
C PHE A 219 23.29 -15.09 -1.77
N PHE A 220 24.03 -16.01 -1.13
CA PHE A 220 24.80 -16.99 -1.92
C PHE A 220 23.98 -18.27 -2.15
N THR A 221 23.28 -18.75 -1.13
CA THR A 221 22.21 -19.73 -1.33
C THR A 221 21.31 -19.38 -2.53
N ASP A 222 20.56 -18.26 -2.46
CA ASP A 222 19.66 -17.86 -3.56
C ASP A 222 19.95 -16.44 -4.05
N PRO A 223 20.98 -16.29 -4.86
CA PRO A 223 21.37 -14.99 -5.38
C PRO A 223 20.37 -14.16 -6.19
N ASN A 224 19.28 -14.73 -6.69
CA ASN A 224 18.24 -13.93 -7.37
C ASN A 224 17.13 -13.42 -6.42
N ASP A 225 17.26 -13.66 -5.12
CA ASP A 225 16.21 -13.23 -4.21
C ASP A 225 16.62 -11.87 -3.67
N GLN A 226 15.94 -10.87 -4.18
CA GLN A 226 16.25 -9.49 -3.90
C GLN A 226 16.18 -9.13 -2.44
N SER A 227 15.37 -9.82 -1.66
CA SER A 227 15.11 -9.36 -0.30
C SER A 227 16.38 -9.35 0.57
N ALA A 228 17.24 -10.34 0.37
CA ALA A 228 18.52 -10.36 1.07
C ALA A 228 19.40 -9.12 0.72
N TRP A 229 19.46 -8.75 -0.55
CA TRP A 229 20.31 -7.67 -0.99
C TRP A 229 19.88 -6.29 -0.49
N PHE A 230 18.56 -6.09 -0.39
CA PHE A 230 18.00 -4.90 0.18
C PHE A 230 18.32 -4.79 1.67
N TYR A 231 18.17 -5.89 2.38
CA TYR A 231 18.38 -5.87 3.80
C TYR A 231 19.84 -5.64 4.04
N HIS A 232 20.67 -6.23 3.18
CA HIS A 232 22.11 -6.07 3.26
C HIS A 232 22.54 -4.63 3.00
N ARG A 233 21.93 -3.96 2.03
CA ARG A 233 22.28 -2.57 1.79
C ARG A 233 22.01 -1.76 3.03
N TRP A 234 20.93 -2.07 3.74
CA TRP A 234 20.63 -1.38 4.98
C TRP A 234 21.70 -1.66 6.03
N LEU A 235 22.12 -2.91 6.14
CA LEU A 235 23.10 -3.26 7.14
C LEU A 235 24.42 -2.51 6.86
N LEU A 236 24.74 -2.37 5.58
CA LEU A 236 25.92 -1.62 5.17
C LEU A 236 25.98 -0.19 5.68
N GLY A 237 24.84 0.46 5.84
CA GLY A 237 24.80 1.81 6.45
C GLY A 237 24.57 1.87 7.95
N ALA A 238 24.20 0.74 8.57
CA ALA A 238 23.74 0.71 9.97
C ALA A 238 24.88 0.79 10.98
N GLY A 239 26.11 0.68 10.51
CA GLY A 239 27.29 0.75 11.37
C GLY A 239 27.77 2.15 11.76
N SER A 240 29.10 2.28 11.84
CA SER A 240 29.79 3.43 12.48
C SER A 240 30.83 4.20 11.61
N GLY A 241 30.99 3.79 10.34
CA GLY A 241 31.78 4.55 9.36
C GLY A 241 33.08 3.91 8.91
N ARG A 242 33.53 4.30 7.71
CA ARG A 242 34.74 3.79 7.04
C ARG A 242 36.05 4.19 7.73
N CYS A 243 36.01 5.27 8.50
CA CYS A 243 37.17 5.78 9.27
C CYS A 243 37.30 5.09 10.62
N GLU A 244 36.26 4.37 11.01
CA GLU A 244 36.23 3.70 12.28
C GLU A 244 36.18 2.20 12.01
N LEU A 245 36.61 1.71 10.83
CA LEU A 245 36.48 0.26 10.54
C LEU A 245 37.39 -0.54 11.42
N SER A 246 36.81 -1.46 12.18
CA SER A 246 37.59 -2.41 12.99
C SER A 246 38.41 -3.29 12.02
N VAL A 247 39.46 -3.92 12.53
CA VAL A 247 40.17 -4.83 11.65
C VAL A 247 39.22 -5.99 11.25
N GLU A 248 38.30 -6.37 12.14
CA GLU A 248 37.40 -7.46 11.83
C GLU A 248 36.40 -7.08 10.75
N LYS A 249 35.82 -5.91 10.85
CA LYS A 249 34.84 -5.47 9.86
C LYS A 249 35.49 -5.14 8.50
N SER A 250 36.63 -4.45 8.54
CA SER A 250 37.43 -4.25 7.33
C SER A 250 37.61 -5.61 6.67
N THR A 251 37.97 -6.64 7.47
CA THR A 251 38.32 -7.95 6.90
C THR A 251 37.06 -8.70 6.36
N VAL A 252 35.97 -8.70 7.13
CA VAL A 252 34.70 -9.24 6.69
C VAL A 252 34.14 -8.53 5.45
N LEU A 253 34.09 -7.20 5.45
CA LEU A 253 33.67 -6.42 4.26
C LEU A 253 34.54 -6.73 3.05
N GLN A 254 35.86 -6.82 3.25
CA GLN A 254 36.76 -7.23 2.13
C GLN A 254 36.39 -8.62 1.66
N SER A 255 36.13 -9.51 2.60
CA SER A 255 35.78 -10.89 2.26
C SER A 255 34.47 -10.98 1.49
N GLU A 256 33.46 -10.19 1.87
CA GLU A 256 32.21 -10.07 1.05
C GLU A 256 32.44 -9.52 -0.37
N LEU A 257 33.33 -8.54 -0.50
CA LEU A 257 33.66 -7.99 -1.82
C LEU A 257 34.08 -9.13 -2.76
N GLU A 258 35.04 -9.94 -2.32
CA GLU A 258 35.56 -11.07 -3.11
C GLU A 258 34.49 -12.07 -3.38
N SER A 259 33.69 -12.37 -2.37
CA SER A 259 32.63 -13.32 -2.58
C SER A 259 31.61 -12.86 -3.64
N CYS A 260 31.34 -11.56 -3.72
CA CYS A 260 30.49 -11.02 -4.82
C CYS A 260 31.18 -11.06 -6.20
N LYS A 261 32.48 -10.90 -6.23
CA LYS A 261 33.21 -11.07 -7.49
C LYS A 261 33.12 -12.52 -7.99
N GLU A 262 33.33 -13.48 -7.09
CA GLU A 262 33.14 -14.89 -7.42
C GLU A 262 31.72 -15.09 -7.95
N LEU A 263 30.73 -14.69 -7.16
CA LEU A 263 29.35 -14.77 -7.57
C LEU A 263 29.07 -14.15 -8.94
N GLN A 264 29.77 -13.07 -9.26
CA GLN A 264 29.58 -12.35 -10.52
C GLN A 264 30.04 -13.17 -11.74
N GLU A 265 31.13 -13.93 -11.57
CA GLU A 265 31.55 -14.94 -12.57
C GLU A 265 30.48 -16.01 -12.80
N LEU A 266 29.95 -16.60 -11.74
CA LEU A 266 28.90 -17.62 -11.91
C LEU A 266 27.64 -17.02 -12.59
N GLU A 267 27.18 -15.87 -12.09
CA GLU A 267 25.95 -15.22 -12.57
C GLU A 267 26.21 -13.78 -13.11
N PRO A 268 26.68 -13.66 -14.37
CA PRO A 268 27.15 -12.32 -14.82
C PRO A 268 25.99 -11.37 -15.10
N GLU A 269 24.81 -11.95 -15.27
CA GLU A 269 23.59 -11.19 -15.41
C GLU A 269 22.94 -10.74 -14.08
N ASN A 270 23.61 -11.00 -12.95
CA ASN A 270 23.03 -10.68 -11.64
C ASN A 270 23.40 -9.25 -11.22
N LYS A 271 22.42 -8.36 -11.29
CA LYS A 271 22.68 -6.95 -11.05
C LYS A 271 22.85 -6.61 -9.56
N TRP A 272 22.23 -7.39 -8.68
CA TRP A 272 22.23 -7.14 -7.24
C TRP A 272 23.64 -7.29 -6.70
N CYS A 273 24.34 -8.25 -7.28
CA CYS A 273 25.71 -8.49 -6.85
CA CYS A 273 25.71 -8.52 -6.93
C CYS A 273 26.62 -7.41 -7.42
N LEU A 274 26.37 -6.97 -8.64
CA LEU A 274 27.13 -5.82 -9.19
C LEU A 274 26.92 -4.56 -8.32
N LEU A 275 25.68 -4.23 -7.99
CA LEU A 275 25.41 -3.06 -7.13
C LEU A 275 26.13 -3.20 -5.79
N THR A 276 26.08 -4.41 -5.22
CA THR A 276 26.62 -4.63 -3.90
C THR A 276 28.16 -4.47 -3.91
N ILE A 277 28.82 -4.88 -4.98
CA ILE A 277 30.24 -4.65 -5.16
C ILE A 277 30.55 -3.14 -5.08
N ILE A 278 29.80 -2.33 -5.82
CA ILE A 278 29.92 -0.85 -5.72
C ILE A 278 29.70 -0.37 -4.29
N LEU A 279 28.69 -0.92 -3.62
CA LEU A 279 28.34 -0.44 -2.27
C LEU A 279 29.40 -0.82 -1.28
N LEU A 280 29.98 -2.01 -1.47
CA LEU A 280 31.01 -2.48 -0.55
C LEU A 280 32.26 -1.61 -0.68
N MET A 281 32.73 -1.38 -1.90
CA MET A 281 33.91 -0.49 -2.11
C MET A 281 33.75 0.92 -1.49
N ARG A 282 32.57 1.51 -1.61
CA ARG A 282 32.22 2.73 -0.90
C ARG A 282 32.42 2.61 0.57
N ALA A 283 31.93 1.52 1.13
CA ALA A 283 31.99 1.27 2.58
C ALA A 283 33.46 1.13 3.03
N LEU A 284 34.31 0.66 2.13
CA LEU A 284 35.70 0.30 2.47
C LEU A 284 36.61 1.49 2.31
N ASP A 285 36.58 2.10 1.12
CA ASP A 285 37.48 3.18 0.75
C ASP A 285 37.10 3.79 -0.61
N PRO A 286 36.24 4.81 -0.59
CA PRO A 286 35.79 5.36 -1.85
C PRO A 286 36.93 5.71 -2.79
N LEU A 287 37.97 6.36 -2.26
CA LEU A 287 39.06 6.84 -3.13
C LEU A 287 39.98 5.76 -3.66
N LEU A 288 40.40 4.83 -2.82
CA LEU A 288 41.21 3.72 -3.30
C LEU A 288 40.49 2.92 -4.44
N TYR A 289 39.18 2.84 -4.37
CA TYR A 289 38.45 2.02 -5.31
C TYR A 289 37.76 2.85 -6.40
N GLU A 290 38.16 4.11 -6.58
CA GLU A 290 37.50 4.97 -7.55
C GLU A 290 37.43 4.42 -8.94
N LYS A 291 38.51 3.80 -9.41
CA LYS A 291 38.53 3.32 -10.79
C LYS A 291 37.60 2.10 -10.89
N GLU A 292 37.68 1.19 -9.93
CA GLU A 292 36.84 0.01 -9.96
C GLU A 292 35.37 0.48 -9.82
N THR A 293 35.09 1.45 -8.93
CA THR A 293 33.73 1.95 -8.87
C THR A 293 33.22 2.34 -10.29
N LEU A 294 34.03 3.03 -11.10
CA LEU A 294 33.54 3.48 -12.40
C LEU A 294 33.35 2.32 -13.39
N GLN A 295 34.33 1.39 -13.43
CA GLN A 295 34.19 0.15 -14.22
C GLN A 295 32.84 -0.52 -13.93
N TYR A 296 32.51 -0.63 -12.65
CA TYR A 296 31.31 -1.31 -12.19
C TYR A 296 30.01 -0.63 -12.55
N PHE A 297 30.01 0.69 -12.61
CA PHE A 297 28.80 1.38 -13.03
C PHE A 297 28.52 1.09 -14.48
N SER A 298 29.55 0.97 -15.30
CA SER A 298 29.33 0.64 -16.72
C SER A 298 28.82 -0.77 -16.94
N THR A 299 29.43 -1.74 -16.26
CA THR A 299 28.94 -3.12 -16.37
C THR A 299 27.50 -3.10 -15.86
N LEU A 300 27.28 -2.55 -14.67
CA LEU A 300 25.95 -2.60 -14.07
C LEU A 300 24.85 -1.99 -14.95
N LYS A 301 25.11 -0.81 -15.52
CA LYS A 301 24.17 -0.18 -16.46
C LYS A 301 23.96 -1.05 -17.70
N ALA A 302 24.99 -1.74 -18.15
CA ALA A 302 24.83 -2.69 -19.29
C ALA A 302 23.90 -3.86 -18.93
N VAL A 303 24.03 -4.40 -17.72
CA VAL A 303 23.20 -5.50 -17.24
C VAL A 303 21.78 -5.07 -16.83
N ASP A 304 21.60 -3.89 -16.24
CA ASP A 304 20.27 -3.46 -15.74
C ASP A 304 19.85 -2.10 -16.35
N PRO A 305 19.62 -2.05 -17.68
CA PRO A 305 19.44 -0.74 -18.36
C PRO A 305 18.23 0.08 -17.91
N MET A 306 17.17 -0.57 -17.43
CA MET A 306 16.02 0.18 -16.88
C MET A 306 16.34 1.11 -15.69
N ARG A 307 17.41 0.78 -14.97
CA ARG A 307 17.89 1.55 -13.82
C ARG A 307 19.01 2.51 -14.22
N ALA A 308 19.25 2.67 -15.51
CA ALA A 308 20.30 3.56 -16.05
C ALA A 308 20.27 4.92 -15.36
N ALA A 309 19.08 5.50 -15.26
CA ALA A 309 18.99 6.86 -14.79
C ALA A 309 19.37 6.91 -13.33
N TYR A 310 18.99 5.85 -12.60
CA TYR A 310 19.19 5.76 -11.16
C TYR A 310 20.67 5.59 -10.94
N LEU A 311 21.27 4.81 -11.84
CA LEU A 311 22.65 4.41 -11.64
C LEU A 311 23.59 5.57 -11.89
N ASP A 312 23.29 6.40 -12.89
CA ASP A 312 24.04 7.63 -13.11
C ASP A 312 23.84 8.61 -11.97
N ASP A 313 22.63 8.75 -11.43
CA ASP A 313 22.45 9.68 -10.29
C ASP A 313 23.24 9.20 -9.09
N LEU A 314 23.22 7.90 -8.81
CA LEU A 314 24.01 7.34 -7.72
C LEU A 314 25.47 7.58 -7.99
N ARG A 315 25.87 7.42 -9.23
CA ARG A 315 27.24 7.64 -9.57
C ARG A 315 27.62 9.12 -9.38
N SER A 316 26.74 10.06 -9.75
CA SER A 316 27.05 11.50 -9.55
C SER A 316 27.15 11.83 -8.06
N LYS A 317 26.31 11.23 -7.24
CA LYS A 317 26.36 11.48 -5.81
C LYS A 317 27.73 11.07 -5.26
N PHE A 318 28.18 9.89 -5.73
CA PHE A 318 29.41 9.27 -5.27
C PHE A 318 30.63 10.04 -5.76
N LEU A 319 30.62 10.50 -7.01
CA LEU A 319 31.69 11.38 -7.49
C LEU A 319 31.79 12.67 -6.63
N LEU A 320 30.69 13.41 -6.45
CA LEU A 320 30.62 14.50 -5.44
C LEU A 320 31.22 14.12 -4.06
N GLU A 321 30.81 12.98 -3.49
CA GLU A 321 31.37 12.49 -2.24
C GLU A 321 32.89 12.40 -2.29
N ASN A 322 33.37 11.73 -3.33
CA ASN A 322 34.78 11.69 -3.63
C ASN A 322 35.47 13.06 -3.69
N SER A 323 34.96 13.98 -4.49
CA SER A 323 35.49 15.36 -4.52
C SER A 323 35.61 16.01 -3.15
N VAL A 324 34.56 15.92 -2.33
CA VAL A 324 34.60 16.48 -0.98
C VAL A 324 35.76 15.86 -0.18
N LEU A 325 35.97 14.55 -0.31
CA LEU A 325 37.05 13.81 0.38
C LEU A 325 38.45 14.22 -0.06
N LYS A 326 38.64 14.40 -1.36
CA LYS A 326 39.91 14.91 -1.92
C LYS A 326 40.28 16.35 -1.48
N MET A 327 39.31 17.25 -1.39
CA MET A 327 39.59 18.63 -0.94
C MET A 327 39.83 18.72 0.59
N GLU A 328 39.38 17.73 1.35
CA GLU A 328 39.75 17.60 2.78
C GLU A 328 41.24 17.23 2.98
N TYR A 329 41.95 16.98 1.88
CA TYR A 329 43.42 16.80 1.88
C TYR A 329 44.13 18.08 2.31
N ALA A 330 44.90 17.98 3.40
CA ALA A 330 45.73 19.10 3.87
C ALA A 330 46.94 19.30 2.95
N GLN B 4 11.83 -11.80 -11.30
CA GLN B 4 11.50 -13.13 -11.89
C GLN B 4 9.99 -13.31 -12.18
N LYS B 5 9.10 -13.02 -11.21
CA LYS B 5 7.64 -13.13 -11.46
C LYS B 5 7.14 -11.92 -12.25
N ASP B 6 6.76 -12.15 -13.51
CA ASP B 6 6.32 -11.10 -14.41
C ASP B 6 5.24 -11.65 -15.39
N VAL B 7 4.50 -10.74 -16.01
CA VAL B 7 3.72 -11.03 -17.23
C VAL B 7 4.62 -10.86 -18.46
N THR B 8 4.29 -11.56 -19.53
CA THR B 8 4.97 -11.41 -20.81
C THR B 8 3.92 -10.88 -21.76
N ILE B 9 4.15 -9.66 -22.25
CA ILE B 9 3.14 -8.95 -23.04
C ILE B 9 3.02 -9.65 -24.39
N LYS B 10 1.81 -10.09 -24.70
CA LYS B 10 1.56 -10.75 -25.98
C LYS B 10 1.82 -9.74 -27.11
N SER B 11 2.59 -10.21 -28.10
CA SER B 11 3.11 -9.41 -29.22
C SER B 11 2.02 -8.63 -29.98
N ASP B 12 0.81 -9.18 -29.98
CA ASP B 12 -0.33 -8.52 -30.64
C ASP B 12 -0.86 -7.33 -29.86
N ALA B 13 -0.82 -7.41 -28.52
CA ALA B 13 -1.50 -6.48 -27.56
C ALA B 13 -1.44 -4.98 -27.93
N PRO B 14 -2.42 -4.18 -27.47
CA PRO B 14 -2.58 -2.76 -27.90
C PRO B 14 -1.35 -1.87 -27.64
N ASP B 15 -0.93 -1.12 -28.66
CA ASP B 15 0.22 -0.18 -28.54
C ASP B 15 -0.13 1.31 -28.76
N THR B 16 -1.42 1.63 -28.67
CA THR B 16 -1.96 2.94 -29.08
C THR B 16 -2.96 3.42 -28.03
N LEU B 17 -3.11 4.72 -27.81
CA LEU B 17 -4.07 5.19 -26.80
C LEU B 17 -5.52 5.28 -27.35
N LEU B 18 -6.45 4.61 -26.68
CA LEU B 18 -7.85 4.46 -27.15
C LEU B 18 -8.82 5.30 -26.31
N LEU B 19 -8.55 6.61 -26.30
CA LEU B 19 -9.19 7.55 -25.38
C LEU B 19 -10.69 7.48 -25.49
N GLU B 20 -11.18 7.57 -26.73
CA GLU B 20 -12.62 7.72 -27.03
C GLU B 20 -13.41 6.53 -26.51
N LYS B 21 -12.85 5.34 -26.68
CA LYS B 21 -13.40 4.10 -26.11
C LYS B 21 -13.54 4.14 -24.59
N HIS B 22 -12.51 4.62 -23.92
CA HIS B 22 -12.57 4.69 -22.47
C HIS B 22 -13.65 5.67 -22.05
N ALA B 23 -13.76 6.79 -22.75
CA ALA B 23 -14.76 7.79 -22.42
C ALA B 23 -16.17 7.20 -22.58
N ASP B 24 -16.32 6.23 -23.49
CA ASP B 24 -17.59 5.52 -23.68
C ASP B 24 -17.80 4.47 -22.61
N TYR B 25 -16.69 3.81 -22.26
CA TYR B 25 -16.75 2.77 -21.25
C TYR B 25 -17.26 3.32 -19.93
N ILE B 26 -16.63 4.40 -19.45
CA ILE B 26 -17.04 5.01 -18.18
C ILE B 26 -18.42 5.66 -18.29
N ALA B 27 -18.66 6.45 -19.33
CA ALA B 27 -19.99 7.06 -19.60
C ALA B 27 -21.16 6.06 -19.53
N SER B 28 -20.95 4.84 -20.04
CA SER B 28 -21.93 3.74 -19.95
C SER B 28 -21.91 2.95 -18.64
N TYR B 29 -20.82 3.05 -17.87
CA TYR B 29 -20.68 2.23 -16.66
C TYR B 29 -21.82 2.51 -15.72
N GLY B 30 -22.42 1.46 -15.17
CA GLY B 30 -23.61 1.64 -14.30
C GLY B 30 -24.94 1.82 -15.05
N SER B 31 -25.16 1.01 -16.10
CA SER B 31 -26.46 0.87 -16.79
C SER B 31 -26.96 -0.56 -16.68
N ASP B 35 -26.47 -5.05 -13.87
CA ASP B 35 -25.11 -5.57 -14.08
C ASP B 35 -24.55 -6.23 -12.82
N TYR B 36 -23.91 -7.39 -12.97
CA TYR B 36 -23.47 -8.19 -11.81
C TYR B 36 -22.49 -7.43 -10.90
N GLU B 37 -21.35 -7.04 -11.47
CA GLU B 37 -20.25 -6.42 -10.73
C GLU B 37 -20.63 -5.10 -10.06
N TYR B 38 -21.68 -4.48 -10.57
CA TYR B 38 -21.97 -3.14 -10.16
C TYR B 38 -22.60 -3.23 -8.81
N CYS B 39 -23.51 -4.16 -8.67
CA CYS B 39 -24.23 -4.27 -7.43
C CYS B 39 -23.36 -4.83 -6.33
N MET B 40 -22.35 -5.61 -6.69
CA MET B 40 -21.49 -6.22 -5.67
C MET B 40 -20.50 -5.21 -5.08
N SER B 41 -20.45 -4.03 -5.69
CA SER B 41 -19.59 -2.97 -5.21
C SER B 41 -20.40 -1.69 -4.91
N GLU B 42 -21.56 -1.89 -4.30
CA GLU B 42 -22.33 -0.84 -3.67
C GLU B 42 -21.43 -0.26 -2.57
N TYR B 43 -20.75 -1.15 -1.86
CA TYR B 43 -19.92 -0.78 -0.74
C TYR B 43 -18.75 0.15 -1.02
N LEU B 44 -18.37 0.36 -2.27
CA LEU B 44 -17.38 1.36 -2.58
C LEU B 44 -17.85 2.42 -3.58
N ARG B 45 -19.16 2.65 -3.63
CA ARG B 45 -19.77 3.39 -4.72
C ARG B 45 -19.26 4.82 -4.85
N MET B 46 -19.11 5.50 -3.72
CA MET B 46 -18.62 6.88 -3.71
C MET B 46 -17.26 7.01 -4.40
N SER B 47 -16.37 6.03 -4.13
CA SER B 47 -15.03 6.01 -4.71
C SER B 47 -15.11 5.66 -6.17
N GLY B 48 -16.00 4.72 -6.50
CA GLY B 48 -16.30 4.35 -7.91
C GLY B 48 -16.73 5.51 -8.76
N VAL B 49 -17.56 6.38 -8.17
CA VAL B 49 -18.01 7.62 -8.84
C VAL B 49 -16.85 8.59 -8.99
N TYR B 50 -16.07 8.74 -7.91
CA TYR B 50 -14.81 9.55 -7.94
C TYR B 50 -13.87 9.07 -9.07
N TRP B 51 -13.67 7.77 -9.19
CA TRP B 51 -12.75 7.27 -10.23
C TRP B 51 -13.26 7.63 -11.59
N GLY B 52 -14.57 7.41 -11.81
CA GLY B 52 -15.19 7.62 -13.13
C GLY B 52 -15.18 9.09 -13.50
N LEU B 53 -15.47 9.95 -12.53
CA LEU B 53 -15.56 11.38 -12.81
C LEU B 53 -14.21 11.93 -13.08
N THR B 54 -13.27 11.56 -12.21
CA THR B 54 -11.88 12.01 -12.35
C THR B 54 -11.28 11.61 -13.71
N VAL B 55 -11.51 10.37 -14.12
CA VAL B 55 -10.90 9.93 -15.37
C VAL B 55 -11.58 10.65 -16.52
N MET B 56 -12.89 10.88 -16.43
CA MET B 56 -13.57 11.57 -17.51
C MET B 56 -12.99 12.97 -17.58
N ASP B 57 -12.97 13.67 -16.47
CA ASP B 57 -12.40 15.01 -16.48
C ASP B 57 -10.95 15.01 -17.01
N LEU B 58 -10.12 14.01 -16.68
CA LEU B 58 -8.76 13.94 -17.27
C LEU B 58 -8.77 13.80 -18.80
N MET B 59 -9.80 13.15 -19.36
CA MET B 59 -9.96 13.04 -20.80
C MET B 59 -10.80 14.20 -21.36
N GLY B 60 -11.20 15.16 -20.53
CA GLY B 60 -11.98 16.32 -21.00
C GLY B 60 -13.45 16.02 -21.30
N GLN B 61 -14.00 15.02 -20.59
CA GLN B 61 -15.32 14.45 -20.89
C GLN B 61 -16.27 14.46 -19.70
N LEU B 62 -15.97 15.28 -18.71
CA LEU B 62 -16.75 15.27 -17.47
C LEU B 62 -18.25 15.61 -17.71
N HIS B 63 -18.51 16.50 -18.65
CA HIS B 63 -19.89 16.92 -19.01
C HIS B 63 -20.84 15.77 -19.38
N ARG B 64 -20.30 14.69 -19.93
CA ARG B 64 -21.09 13.51 -20.26
C ARG B 64 -21.49 12.69 -19.03
N MET B 65 -21.21 13.19 -17.83
CA MET B 65 -21.64 12.54 -16.59
C MET B 65 -22.70 13.41 -15.91
N ASN B 66 -23.38 12.85 -14.90
CA ASN B 66 -24.48 13.54 -14.27
C ASN B 66 -24.17 14.31 -12.98
N LYS B 67 -23.85 15.58 -13.17
CA LYS B 67 -23.45 16.42 -12.07
C LYS B 67 -24.58 16.45 -11.05
N GLU B 68 -25.74 16.89 -11.51
CA GLU B 68 -26.87 17.12 -10.64
C GLU B 68 -27.29 15.88 -9.86
N GLU B 69 -27.24 14.73 -10.51
CA GLU B 69 -27.66 13.48 -9.86
C GLU B 69 -26.65 13.01 -8.79
N ILE B 70 -25.38 13.29 -9.04
CA ILE B 70 -24.31 12.91 -8.13
C ILE B 70 -24.27 13.86 -6.92
N LEU B 71 -24.64 15.12 -7.11
CA LEU B 71 -24.72 15.99 -5.97
C LEU B 71 -25.79 15.54 -4.94
N VAL B 72 -26.95 15.10 -5.42
CA VAL B 72 -27.97 14.61 -4.48
C VAL B 72 -27.52 13.33 -3.79
N PHE B 73 -26.89 12.44 -4.56
CA PHE B 73 -26.33 11.21 -4.00
C PHE B 73 -25.30 11.54 -2.87
N ILE B 74 -24.44 12.53 -3.09
CA ILE B 74 -23.46 12.93 -2.12
C ILE B 74 -24.11 13.46 -0.83
N LYS B 75 -25.09 14.37 -0.96
CA LYS B 75 -25.77 14.89 0.25
C LYS B 75 -26.45 13.77 1.02
N SER B 76 -27.05 12.82 0.31
CA SER B 76 -27.81 11.77 0.98
CA SER B 76 -27.81 11.76 0.96
C SER B 76 -26.85 10.82 1.70
N CYS B 77 -25.62 10.75 1.20
CA CYS B 77 -24.58 9.94 1.84
C CYS B 77 -23.85 10.61 3.00
N GLN B 78 -24.15 11.87 3.36
CA GLN B 78 -23.57 12.45 4.59
C GLN B 78 -24.37 12.12 5.85
N HIS B 79 -23.71 11.56 6.85
CA HIS B 79 -24.39 11.15 8.09
C HIS B 79 -24.38 12.31 9.08
N GLU B 80 -25.08 12.16 10.21
CA GLU B 80 -25.33 13.28 11.11
C GLU B 80 -24.10 13.60 11.94
N CYS B 81 -23.15 12.66 11.98
CA CYS B 81 -21.84 12.92 12.59
C CYS B 81 -20.86 13.63 11.61
N GLY B 82 -21.31 13.85 10.39
CA GLY B 82 -20.54 14.57 9.42
C GLY B 82 -19.79 13.75 8.39
N GLY B 83 -19.52 12.47 8.68
CA GLY B 83 -18.79 11.61 7.78
C GLY B 83 -19.67 11.19 6.65
N VAL B 84 -19.06 10.76 5.53
CA VAL B 84 -19.78 10.36 4.33
C VAL B 84 -19.61 8.84 4.13
N SER B 85 -20.67 8.16 3.67
CA SER B 85 -20.65 6.72 3.43
C SER B 85 -20.44 6.45 1.96
N ALA B 86 -20.24 5.19 1.59
CA ALA B 86 -20.02 4.86 0.19
C ALA B 86 -21.32 4.87 -0.64
N SER B 87 -22.46 4.83 0.02
CA SER B 87 -23.76 4.59 -0.62
C SER B 87 -24.77 4.86 0.47
N ILE B 88 -26.04 4.96 0.09
CA ILE B 88 -27.09 5.38 1.01
C ILE B 88 -27.31 4.19 1.89
N GLY B 89 -27.40 4.43 3.19
CA GLY B 89 -27.59 3.35 4.17
C GLY B 89 -26.31 2.64 4.65
N HIS B 90 -25.19 2.90 3.99
CA HIS B 90 -23.91 2.35 4.40
C HIS B 90 -23.33 3.27 5.40
N ASP B 91 -22.32 2.82 6.12
CA ASP B 91 -21.73 3.58 7.20
C ASP B 91 -20.68 4.59 6.70
N PRO B 92 -20.52 5.72 7.43
CA PRO B 92 -19.52 6.73 7.06
C PRO B 92 -18.11 6.21 7.24
N HIS B 93 -17.17 6.73 6.44
CA HIS B 93 -15.78 6.30 6.53
C HIS B 93 -14.86 7.33 5.90
N LEU B 94 -13.62 7.39 6.39
CA LEU B 94 -12.69 8.38 5.86
C LEU B 94 -12.44 8.17 4.39
N LEU B 95 -12.46 6.95 3.91
CA LEU B 95 -12.19 6.72 2.48
C LEU B 95 -13.20 7.41 1.59
N TYR B 96 -14.47 7.35 2.00
CA TYR B 96 -15.56 7.83 1.17
C TYR B 96 -15.81 9.28 1.43
N THR B 97 -15.52 9.74 2.63
CA THR B 97 -15.43 11.17 2.87
C THR B 97 -14.37 11.85 2.03
N LEU B 98 -13.25 11.20 1.80
CA LEU B 98 -12.26 11.76 0.88
C LEU B 98 -12.85 11.78 -0.51
N SER B 99 -13.32 10.64 -0.98
CA SER B 99 -13.85 10.53 -2.35
C SER B 99 -14.95 11.58 -2.62
N ALA B 100 -15.85 11.76 -1.68
CA ALA B 100 -16.87 12.77 -1.77
C ALA B 100 -16.25 14.16 -1.96
N VAL B 101 -15.37 14.58 -1.05
CA VAL B 101 -14.77 15.89 -1.16
C VAL B 101 -13.98 16.04 -2.45
N GLN B 102 -13.38 14.97 -2.94
CA GLN B 102 -12.70 15.09 -4.23
C GLN B 102 -13.76 15.41 -5.31
N ILE B 103 -14.84 14.65 -5.33
CA ILE B 103 -15.92 14.91 -6.29
C ILE B 103 -16.49 16.35 -6.17
N LEU B 104 -16.79 16.82 -4.96
CA LEU B 104 -17.27 18.20 -4.80
C LEU B 104 -16.25 19.25 -5.27
N THR B 105 -14.97 18.95 -5.12
CA THR B 105 -13.93 19.82 -5.63
C THR B 105 -13.84 19.79 -7.16
N LEU B 106 -13.93 18.62 -7.77
CA LEU B 106 -14.06 18.55 -9.24
C LEU B 106 -15.22 19.41 -9.73
N TYR B 107 -16.36 19.32 -9.04
CA TYR B 107 -17.57 20.03 -9.44
C TYR B 107 -17.70 21.45 -8.89
N ASP B 108 -16.71 21.93 -8.13
CA ASP B 108 -16.81 23.24 -7.45
C ASP B 108 -18.13 23.36 -6.70
N SER B 109 -18.52 22.32 -5.97
CA SER B 109 -19.83 22.29 -5.31
C SER B 109 -19.71 21.91 -3.84
N ILE B 110 -18.58 22.25 -3.25
CA ILE B 110 -18.28 21.93 -1.85
C ILE B 110 -19.37 22.20 -0.80
N HIS B 111 -20.18 23.21 -1.04
CA HIS B 111 -21.20 23.48 -0.03
CA HIS B 111 -21.30 23.65 -0.20
C HIS B 111 -22.49 22.67 -0.22
N VAL B 112 -22.47 21.74 -1.16
CA VAL B 112 -23.48 20.69 -1.25
C VAL B 112 -23.58 19.89 0.05
N ILE B 113 -22.47 19.75 0.79
CA ILE B 113 -22.45 19.17 2.14
C ILE B 113 -22.02 20.14 3.25
N ASN B 114 -22.30 19.74 4.47
CA ASN B 114 -21.92 20.48 5.65
C ASN B 114 -20.42 20.36 5.97
N VAL B 115 -19.65 21.31 5.45
CA VAL B 115 -18.21 21.29 5.52
C VAL B 115 -17.70 21.30 6.98
N ASP B 116 -18.34 22.05 7.86
CA ASP B 116 -17.93 22.10 9.27
C ASP B 116 -18.07 20.75 9.93
N LYS B 117 -19.09 19.99 9.52
CA LYS B 117 -19.33 18.69 10.12
C LYS B 117 -18.36 17.64 9.56
N VAL B 118 -17.97 17.75 8.31
CA VAL B 118 -16.93 16.85 7.80
C VAL B 118 -15.64 17.05 8.61
N VAL B 119 -15.25 18.32 8.74
CA VAL B 119 -14.07 18.72 9.47
C VAL B 119 -14.06 18.14 10.89
N ALA B 120 -15.19 18.24 11.57
CA ALA B 120 -15.32 17.74 12.93
C ALA B 120 -15.26 16.21 12.94
N TYR B 121 -15.75 15.60 11.85
CA TYR B 121 -15.66 14.13 11.70
C TYR B 121 -14.21 13.71 11.53
N VAL B 122 -13.49 14.32 10.59
CA VAL B 122 -12.07 14.00 10.46
C VAL B 122 -11.32 14.22 11.78
N GLN B 123 -11.51 15.37 12.40
CA GLN B 123 -10.89 15.69 13.69
C GLN B 123 -11.16 14.61 14.76
N SER B 124 -12.35 14.01 14.73
CA SER B 124 -12.74 13.12 15.84
C SER B 124 -12.07 11.77 15.75
N LEU B 125 -11.39 11.51 14.64
CA LEU B 125 -10.86 10.21 14.35
C LEU B 125 -9.38 10.14 14.66
N GLN B 126 -8.77 11.29 14.98
CA GLN B 126 -7.36 11.33 15.37
C GLN B 126 -7.15 10.78 16.78
N LYS B 127 -6.03 10.07 16.97
CA LYS B 127 -5.70 9.49 18.26
C LYS B 127 -4.60 10.27 18.98
N GLU B 128 -4.41 9.94 20.24
CA GLU B 128 -3.38 10.54 21.06
C GLU B 128 -2.02 10.49 20.35
N ASP B 129 -1.73 9.41 19.64
CA ASP B 129 -0.44 9.24 19.00
C ASP B 129 -0.36 9.89 17.65
N GLY B 130 -1.46 10.52 17.21
CA GLY B 130 -1.49 11.24 15.93
C GLY B 130 -2.05 10.53 14.70
N SER B 131 -2.22 9.22 14.83
CA SER B 131 -2.82 8.37 13.81
C SER B 131 -4.27 8.68 13.65
N PHE B 132 -4.79 8.26 12.50
CA PHE B 132 -6.21 8.32 12.22
C PHE B 132 -6.82 6.94 12.12
N ALA B 133 -7.92 6.75 12.85
CA ALA B 133 -8.78 5.57 12.67
C ALA B 133 -9.58 5.83 11.42
N GLY B 134 -9.98 4.79 10.70
CA GLY B 134 -10.78 4.97 9.50
C GLY B 134 -12.24 5.32 9.76
N ASP B 135 -12.74 4.93 10.93
CA ASP B 135 -14.12 5.22 11.30
C ASP B 135 -14.25 4.95 12.77
N ILE B 136 -15.44 5.04 13.34
CA ILE B 136 -15.60 4.75 14.78
C ILE B 136 -15.09 3.36 15.19
N TRP B 137 -14.90 2.44 14.27
CA TRP B 137 -14.49 1.10 14.65
C TRP B 137 -12.97 0.90 14.82
N GLY B 138 -12.17 1.94 14.67
CA GLY B 138 -10.83 1.98 15.25
C GLY B 138 -9.65 1.39 14.53
N GLU B 139 -9.83 1.00 13.28
CA GLU B 139 -8.73 0.48 12.46
C GLU B 139 -7.79 1.62 12.14
N ILE B 140 -6.51 1.43 12.48
CA ILE B 140 -5.47 2.44 12.28
C ILE B 140 -4.65 2.11 11.05
N ASP B 141 -4.54 3.06 10.12
CA ASP B 141 -3.81 2.83 8.90
C ASP B 141 -3.31 4.19 8.38
N THR B 142 -2.06 4.25 7.98
CA THR B 142 -1.54 5.50 7.40
C THR B 142 -2.37 5.89 6.17
N ARG B 143 -3.09 4.95 5.57
CA ARG B 143 -4.03 5.31 4.49
C ARG B 143 -4.98 6.43 4.98
N PHE B 144 -5.42 6.29 6.22
CA PHE B 144 -6.39 7.21 6.78
C PHE B 144 -5.75 8.55 7.18
N SER B 145 -4.49 8.52 7.61
CA SER B 145 -3.69 9.75 7.78
C SER B 145 -3.73 10.59 6.50
N PHE B 146 -3.58 9.93 5.36
CA PHE B 146 -3.66 10.62 4.08
C PHE B 146 -5.08 11.10 3.72
N CYS B 147 -6.10 10.27 3.96
CA CYS B 147 -7.51 10.65 3.78
C CYS B 147 -7.87 11.88 4.65
N ALA B 148 -7.47 11.87 5.92
CA ALA B 148 -7.75 12.97 6.79
C ALA B 148 -7.11 14.23 6.20
N VAL B 149 -5.80 14.23 5.93
CA VAL B 149 -5.15 15.50 5.55
C VAL B 149 -5.48 15.95 4.14
N ALA B 150 -5.65 14.99 3.23
CA ALA B 150 -6.08 15.26 1.85
C ALA B 150 -7.46 15.93 1.86
N THR B 151 -8.35 15.38 2.68
CA THR B 151 -9.68 15.90 2.86
C THR B 151 -9.63 17.31 3.40
N LEU B 152 -8.96 17.50 4.51
CA LEU B 152 -8.88 18.82 5.10
C LEU B 152 -8.16 19.83 4.19
N ALA B 153 -7.08 19.41 3.49
CA ALA B 153 -6.35 20.31 2.60
C ALA B 153 -7.30 20.86 1.56
N LEU B 154 -8.16 20.01 1.01
CA LEU B 154 -9.05 20.44 -0.08
C LEU B 154 -10.12 21.38 0.43
N LEU B 155 -10.41 21.34 1.73
CA LEU B 155 -11.41 22.19 2.31
C LEU B 155 -10.77 23.41 2.97
N GLY B 156 -9.45 23.54 2.90
CA GLY B 156 -8.73 24.65 3.50
C GLY B 156 -8.74 24.57 5.02
N LYS B 157 -8.76 23.37 5.59
CA LYS B 157 -8.94 23.18 7.03
C LYS B 157 -7.94 22.21 7.69
N LEU B 158 -6.76 22.08 7.09
CA LEU B 158 -5.65 21.34 7.65
C LEU B 158 -5.38 21.71 9.11
N ASP B 159 -5.52 22.98 9.44
CA ASP B 159 -5.18 23.38 10.79
C ASP B 159 -6.07 22.75 11.87
N ALA B 160 -7.14 22.05 11.46
CA ALA B 160 -8.14 21.53 12.37
C ALA B 160 -7.72 20.23 13.09
N ILE B 161 -6.63 19.64 12.64
CA ILE B 161 -6.12 18.43 13.25
C ILE B 161 -4.74 18.67 13.84
N ASN B 162 -4.32 17.75 14.72
CA ASN B 162 -3.02 17.90 15.36
C ASN B 162 -1.94 17.50 14.37
N VAL B 163 -1.42 18.49 13.64
CA VAL B 163 -0.58 18.19 12.48
C VAL B 163 0.75 17.58 12.87
N GLU B 164 1.37 18.12 13.89
CA GLU B 164 2.70 17.67 14.32
C GLU B 164 2.69 16.22 14.82
N LYS B 165 1.67 15.87 15.59
CA LYS B 165 1.52 14.50 16.02
C LYS B 165 1.17 13.60 14.84
N ALA B 166 0.41 14.13 13.87
CA ALA B 166 0.06 13.35 12.70
C ALA B 166 1.33 13.08 11.91
N ILE B 167 2.19 14.08 11.79
CA ILE B 167 3.47 13.88 11.11
C ILE B 167 4.26 12.79 11.84
N GLU B 168 4.37 12.94 13.13
CA GLU B 168 5.19 12.03 13.93
C GLU B 168 4.76 10.58 13.79
N PHE B 169 3.46 10.34 13.70
CA PHE B 169 2.97 8.96 13.52
C PHE B 169 3.40 8.35 12.17
N VAL B 170 3.20 9.12 11.12
CA VAL B 170 3.58 8.69 9.76
C VAL B 170 5.07 8.35 9.71
N LEU B 171 5.92 9.24 10.24
CA LEU B 171 7.37 9.01 10.18
C LEU B 171 7.74 7.82 11.03
N SER B 172 6.96 7.50 12.06
CA SER B 172 7.23 6.29 12.84
C SER B 172 6.86 5.02 12.10
N CYS B 173 6.29 5.16 10.91
CA CYS B 173 6.00 4.06 10.01
C CYS B 173 7.01 4.01 8.85
N MET B 174 8.04 4.85 8.87
CA MET B 174 9.09 4.75 7.86
C MET B 174 9.99 3.56 8.19
N ASN B 175 10.44 2.86 7.17
CA ASN B 175 11.08 1.60 7.36
C ASN B 175 12.51 1.63 6.93
N PHE B 176 13.22 0.56 7.29
CA PHE B 176 14.61 0.35 6.86
C PHE B 176 14.94 0.61 5.39
N ASP B 177 13.96 0.39 4.50
CA ASP B 177 14.18 0.49 3.05
C ASP B 177 13.75 1.84 2.47
N GLY B 178 13.39 2.78 3.36
CA GLY B 178 12.95 4.14 3.00
C GLY B 178 11.44 4.28 2.78
N GLY B 179 10.74 3.12 2.73
CA GLY B 179 9.33 3.04 2.47
C GLY B 179 8.52 3.10 3.73
N PHE B 180 7.22 2.89 3.59
CA PHE B 180 6.21 3.00 4.64
C PHE B 180 5.20 1.88 4.62
N GLY B 181 4.67 1.56 5.80
CA GLY B 181 3.62 0.57 5.94
C GLY B 181 2.33 1.11 6.53
N CYS B 182 1.44 0.17 6.89
CA CYS B 182 0.14 0.45 7.47
C CYS B 182 0.28 1.19 8.77
N ARG B 183 1.08 0.62 9.67
CA ARG B 183 1.26 1.07 11.04
C ARG B 183 2.70 0.84 11.42
N PRO B 184 3.12 1.36 12.59
CA PRO B 184 4.53 1.09 13.01
C PRO B 184 4.86 -0.41 12.95
N GLY B 185 5.99 -0.76 12.36
CA GLY B 185 6.42 -2.16 12.15
C GLY B 185 5.97 -2.80 10.84
N SER B 186 5.08 -2.14 10.09
CA SER B 186 4.58 -2.76 8.89
C SER B 186 5.54 -2.62 7.71
N GLU B 187 5.63 -3.69 6.96
CA GLU B 187 6.48 -3.81 5.78
C GLU B 187 6.12 -2.76 4.78
N SER B 188 7.07 -2.30 3.99
CA SER B 188 6.80 -1.31 2.97
C SER B 188 5.94 -1.89 1.85
N HIS B 189 4.99 -1.10 1.36
CA HIS B 189 4.14 -1.49 0.27
C HIS B 189 3.84 -0.21 -0.58
N ALA B 190 3.76 -0.31 -1.90
CA ALA B 190 3.48 0.86 -2.75
C ALA B 190 2.29 1.73 -2.31
N GLY B 191 1.18 1.11 -1.94
CA GLY B 191 -0.03 1.84 -1.63
C GLY B 191 0.15 2.75 -0.44
N GLN B 192 0.79 2.24 0.60
CA GLN B 192 1.03 3.04 1.78
C GLN B 192 2.11 4.08 1.53
N ILE B 193 3.08 3.77 0.67
CA ILE B 193 4.10 4.74 0.28
C ILE B 193 3.47 5.94 -0.44
N TYR B 194 2.52 5.66 -1.36
CA TYR B 194 1.76 6.76 -1.99
C TYR B 194 1.01 7.56 -0.94
N CYS B 195 0.35 6.90 0.01
CA CYS B 195 -0.39 7.63 1.05
C CYS B 195 0.51 8.47 1.93
N CYS B 196 1.64 7.90 2.30
CA CYS B 196 2.59 8.59 3.14
C CYS B 196 3.35 9.71 2.42
N THR B 197 3.79 9.51 1.18
CA THR B 197 4.51 10.56 0.53
C THR B 197 3.54 11.70 0.24
N GLY B 198 2.33 11.36 -0.22
CA GLY B 198 1.26 12.35 -0.34
C GLY B 198 0.96 13.09 0.95
N PHE B 199 1.00 12.38 2.07
CA PHE B 199 0.75 12.99 3.38
C PHE B 199 1.84 14.01 3.68
N LEU B 200 3.09 13.59 3.51
CA LEU B 200 4.22 14.50 3.70
C LEU B 200 4.20 15.70 2.71
N ALA B 201 3.77 15.47 1.48
CA ALA B 201 3.62 16.56 0.50
C ALA B 201 2.70 17.60 1.08
N ILE B 202 1.53 17.16 1.53
CA ILE B 202 0.51 18.06 2.12
C ILE B 202 1.01 18.83 3.36
N THR B 203 1.74 18.14 4.23
CA THR B 203 2.13 18.75 5.47
C THR B 203 3.50 19.41 5.33
N SER B 204 4.02 19.52 4.10
CA SER B 204 5.32 20.20 3.90
C SER B 204 6.50 19.50 4.60
N GLN B 205 6.55 18.16 4.52
CA GLN B 205 7.58 17.41 5.23
C GLN B 205 8.35 16.45 4.31
N LEU B 206 8.46 16.75 3.03
CA LEU B 206 9.20 15.88 2.17
C LEU B 206 10.70 15.87 2.46
N HIS B 207 11.21 16.84 3.19
CA HIS B 207 12.61 16.82 3.55
C HIS B 207 12.92 15.63 4.46
N GLN B 208 11.92 15.03 5.09
CA GLN B 208 12.15 13.93 6.02
C GLN B 208 12.09 12.58 5.35
N VAL B 209 11.83 12.57 4.07
CA VAL B 209 11.90 11.37 3.27
C VAL B 209 13.33 11.19 2.77
N ASN B 210 13.80 9.96 2.74
CA ASN B 210 15.10 9.67 2.17
C ASN B 210 14.86 9.37 0.70
N SER B 211 14.90 10.43 -0.10
CA SER B 211 14.47 10.32 -1.48
C SER B 211 15.29 9.38 -2.33
N ASP B 212 16.59 9.26 -2.09
CA ASP B 212 17.43 8.40 -2.92
C ASP B 212 17.20 6.92 -2.53
N LEU B 213 17.02 6.65 -1.25
CA LEU B 213 16.80 5.28 -0.83
C LEU B 213 15.40 4.82 -1.23
N LEU B 214 14.38 5.60 -0.89
CA LEU B 214 13.02 5.23 -1.28
C LEU B 214 12.88 5.22 -2.76
N GLY B 215 13.44 6.23 -3.42
CA GLY B 215 13.37 6.28 -4.85
C GLY B 215 13.92 5.02 -5.50
N TRP B 216 14.93 4.42 -4.90
CA TRP B 216 15.55 3.24 -5.47
C TRP B 216 14.60 2.06 -5.28
N TRP B 217 14.03 1.97 -4.08
CA TRP B 217 13.05 0.92 -3.81
C TRP B 217 11.90 0.99 -4.79
N LEU B 218 11.37 2.20 -5.03
CA LEU B 218 10.27 2.38 -5.97
C LEU B 218 10.65 2.06 -7.43
N CYS B 219 11.86 2.38 -7.88
CA CYS B 219 12.22 2.08 -9.25
C CYS B 219 12.55 0.60 -9.49
N GLU B 220 12.92 -0.14 -8.44
CA GLU B 220 13.10 -1.59 -8.59
C GLU B 220 11.76 -2.33 -8.73
N ARG B 221 10.64 -1.61 -8.62
CA ARG B 221 9.32 -2.20 -8.79
C ARG B 221 9.05 -2.54 -10.26
N GLN B 222 9.72 -1.82 -11.17
CA GLN B 222 9.55 -2.01 -12.60
C GLN B 222 10.15 -3.34 -13.05
N LEU B 223 9.30 -4.19 -13.60
CA LEU B 223 9.70 -5.54 -14.01
C LEU B 223 10.10 -5.51 -15.50
N PRO B 224 10.78 -6.56 -15.99
CA PRO B 224 11.19 -6.58 -17.39
C PRO B 224 10.07 -6.24 -18.36
N SER B 225 8.83 -6.62 -18.03
CA SER B 225 7.71 -6.30 -18.92
C SER B 225 7.45 -4.82 -19.03
N GLY B 226 7.94 -4.03 -18.07
CA GLY B 226 7.74 -2.59 -18.08
C GLY B 226 6.72 -2.09 -17.08
N GLY B 227 5.86 -2.99 -16.61
CA GLY B 227 4.85 -2.66 -15.60
C GLY B 227 5.44 -2.73 -14.19
N LEU B 228 4.83 -2.00 -13.26
CA LEU B 228 5.33 -1.93 -11.89
C LEU B 228 4.55 -2.83 -10.94
N ASN B 229 5.24 -3.47 -10.02
CA ASN B 229 4.53 -4.15 -8.94
C ASN B 229 4.51 -3.27 -7.69
N GLY B 230 3.87 -3.77 -6.64
CA GLY B 230 3.64 -3.01 -5.44
C GLY B 230 4.59 -3.36 -4.32
N ARG B 231 5.22 -4.53 -4.43
CA ARG B 231 6.35 -4.89 -3.58
C ARG B 231 7.08 -6.07 -4.18
N PRO B 232 8.24 -6.39 -3.61
CA PRO B 232 9.08 -7.36 -4.27
C PRO B 232 8.39 -8.69 -4.47
N GLU B 233 8.68 -9.35 -5.59
CA GLU B 233 8.18 -10.68 -5.90
C GLU B 233 6.70 -10.73 -6.22
N LYS B 234 6.07 -9.61 -6.56
CA LYS B 234 4.65 -9.63 -6.92
C LYS B 234 4.45 -9.33 -8.40
N LEU B 235 3.37 -9.84 -9.01
CA LEU B 235 3.04 -9.53 -10.40
C LEU B 235 2.90 -8.03 -10.54
N PRO B 236 3.27 -7.48 -11.70
CA PRO B 236 3.04 -6.06 -11.87
C PRO B 236 1.57 -5.85 -12.11
N ASP B 237 1.15 -4.60 -12.23
CA ASP B 237 -0.26 -4.26 -12.16
C ASP B 237 -0.39 -2.76 -12.39
N VAL B 238 -1.32 -2.42 -13.27
CA VAL B 238 -1.54 -1.06 -13.77
C VAL B 238 -1.68 -0.04 -12.69
N CYS B 239 -2.31 -0.40 -11.59
CA CYS B 239 -2.52 0.61 -10.55
C CYS B 239 -1.31 0.89 -9.65
N TYR B 240 -0.49 -0.12 -9.36
CA TYR B 240 0.80 0.16 -8.74
C TYR B 240 1.54 1.04 -9.66
N SER B 241 1.40 0.74 -10.93
CA SER B 241 2.05 1.57 -11.89
C SER B 241 1.64 3.02 -11.56
N TRP B 242 0.44 3.31 -11.05
CA TRP B 242 0.12 4.67 -10.51
C TRP B 242 0.59 5.01 -9.06
N TRP B 243 0.44 4.09 -8.11
CA TRP B 243 0.90 4.33 -6.75
CA TRP B 243 0.90 4.33 -6.74
C TRP B 243 2.40 4.63 -6.66
N VAL B 244 3.19 3.93 -7.46
CA VAL B 244 4.64 4.00 -7.47
C VAL B 244 5.12 5.26 -8.19
N LEU B 245 4.53 5.47 -9.36
CA LEU B 245 4.89 6.59 -10.21
C LEU B 245 4.59 7.90 -9.56
N ALA B 246 3.41 7.97 -8.97
CA ALA B 246 3.02 9.15 -8.25
C ALA B 246 4.01 9.43 -7.13
N SER B 247 4.44 8.38 -6.44
CA SER B 247 5.30 8.50 -5.29
C SER B 247 6.63 9.03 -5.73
N LEU B 248 7.13 8.49 -6.84
CA LEU B 248 8.34 8.97 -7.46
C LEU B 248 8.23 10.43 -7.88
N LYS B 249 7.11 10.83 -8.47
CA LYS B 249 6.96 12.24 -8.85
C LYS B 249 7.01 13.07 -7.59
N ILE B 250 6.29 12.65 -6.55
CA ILE B 250 6.23 13.47 -5.33
C ILE B 250 7.65 13.67 -4.78
N ILE B 251 8.48 12.63 -4.83
CA ILE B 251 9.81 12.71 -4.21
C ILE B 251 10.90 13.13 -5.21
N GLY B 252 10.49 13.49 -6.43
CA GLY B 252 11.40 13.92 -7.49
C GLY B 252 12.27 12.90 -8.24
N ARG B 253 11.80 11.69 -8.43
CA ARG B 253 12.59 10.65 -9.06
C ARG B 253 11.82 9.86 -10.12
N LEU B 254 10.91 10.50 -10.83
CA LEU B 254 10.13 9.81 -11.85
C LEU B 254 11.01 9.33 -12.99
N HIS B 255 12.07 10.06 -13.29
CA HIS B 255 13.04 9.63 -14.32
C HIS B 255 13.83 8.39 -13.97
N TRP B 256 13.62 7.82 -12.77
CA TRP B 256 14.30 6.59 -12.35
C TRP B 256 13.65 5.32 -12.85
N ILE B 257 12.45 5.41 -13.41
CA ILE B 257 11.89 4.27 -14.16
C ILE B 257 11.93 4.53 -15.65
N ASP B 258 11.95 3.45 -16.39
CA ASP B 258 12.00 3.45 -17.84
C ASP B 258 10.60 3.86 -18.36
N ARG B 259 10.45 5.16 -18.67
CA ARG B 259 9.14 5.72 -19.09
C ARG B 259 8.49 4.92 -20.20
N GLU B 260 9.25 4.63 -21.25
CA GLU B 260 8.69 4.03 -22.46
C GLU B 260 8.19 2.60 -22.21
N LYS B 261 8.98 1.79 -21.51
CA LYS B 261 8.54 0.44 -21.19
C LYS B 261 7.26 0.45 -20.35
N LEU B 262 7.17 1.38 -19.40
CA LEU B 262 5.97 1.52 -18.58
C LEU B 262 4.77 1.90 -19.44
N ARG B 263 4.97 2.87 -20.31
CA ARG B 263 3.92 3.27 -21.22
C ARG B 263 3.38 2.08 -22.02
N SER B 264 4.28 1.27 -22.57
CA SER B 264 3.84 0.14 -23.39
C SER B 264 3.06 -0.88 -22.57
N PHE B 265 3.40 -0.99 -21.28
CA PHE B 265 2.68 -1.88 -20.39
C PHE B 265 1.28 -1.33 -20.16
N ILE B 266 1.20 -0.06 -19.80
CA ILE B 266 -0.08 0.51 -19.50
C ILE B 266 -0.99 0.36 -20.71
N LEU B 267 -0.53 0.80 -21.89
CA LEU B 267 -1.37 0.72 -23.10
C LEU B 267 -1.79 -0.73 -23.33
N ALA B 268 -0.85 -1.67 -23.15
CA ALA B 268 -1.14 -3.07 -23.36
C ALA B 268 -2.17 -3.63 -22.37
N CYS B 269 -2.56 -2.80 -21.41
CA CYS B 269 -3.53 -3.22 -20.41
C CYS B 269 -4.96 -2.83 -20.83
N GLN B 270 -5.08 -2.01 -21.86
CA GLN B 270 -6.37 -1.67 -22.44
C GLN B 270 -7.11 -2.89 -23.07
N ASP B 271 -8.45 -2.76 -23.15
CA ASP B 271 -9.29 -3.66 -23.93
C ASP B 271 -9.78 -2.89 -25.17
N GLU B 272 -9.23 -3.24 -26.33
CA GLU B 272 -9.66 -2.73 -27.66
C GLU B 272 -11.19 -2.83 -27.97
N GLU B 273 -11.83 -3.91 -27.49
CA GLU B 273 -13.27 -4.10 -27.63
C GLU B 273 -14.07 -3.24 -26.63
N THR B 274 -14.24 -3.72 -25.39
CA THR B 274 -15.03 -3.01 -24.35
C THR B 274 -14.52 -1.60 -23.99
N GLY B 275 -13.22 -1.35 -24.14
CA GLY B 275 -12.63 -0.13 -23.57
C GLY B 275 -12.28 -0.33 -22.09
N GLY B 276 -11.83 0.73 -21.44
CA GLY B 276 -11.31 0.65 -20.08
C GLY B 276 -9.99 -0.12 -19.99
N PHE B 277 -9.31 -0.01 -18.86
CA PHE B 277 -8.07 -0.74 -18.63
C PHE B 277 -8.31 -1.80 -17.58
N ALA B 278 -7.51 -2.87 -17.62
CA ALA B 278 -7.53 -3.95 -16.62
C ALA B 278 -6.27 -3.88 -15.78
N ASP B 279 -6.16 -4.72 -14.76
CA ASP B 279 -4.96 -4.76 -13.90
C ASP B 279 -3.75 -5.19 -14.68
N ARG B 280 -3.90 -6.19 -15.55
CA ARG B 280 -2.79 -6.60 -16.40
C ARG B 280 -3.31 -7.03 -17.78
N PRO B 281 -2.40 -7.17 -18.78
CA PRO B 281 -2.85 -7.32 -20.17
C PRO B 281 -3.88 -8.43 -20.31
N GLY B 282 -4.90 -8.23 -21.13
CA GLY B 282 -5.90 -9.26 -21.40
C GLY B 282 -6.98 -9.57 -20.35
N ASP B 283 -6.86 -9.02 -19.14
CA ASP B 283 -7.77 -9.39 -18.04
C ASP B 283 -8.99 -8.48 -18.16
N MET B 284 -10.00 -8.72 -17.32
CA MET B 284 -11.24 -7.90 -17.33
C MET B 284 -10.98 -6.48 -16.80
N VAL B 285 -11.40 -5.47 -17.56
CA VAL B 285 -11.25 -4.07 -17.19
C VAL B 285 -12.07 -3.71 -15.94
N ASP B 286 -11.93 -2.46 -15.48
CA ASP B 286 -12.80 -1.88 -14.44
C ASP B 286 -12.47 -0.41 -14.36
N PRO B 287 -13.38 0.42 -13.83
CA PRO B 287 -13.13 1.88 -13.74
C PRO B 287 -11.96 2.33 -12.87
N PHE B 288 -11.63 1.54 -11.84
CA PHE B 288 -10.51 1.80 -10.92
C PHE B 288 -9.17 1.82 -11.68
N HIS B 289 -8.84 0.67 -12.28
CA HIS B 289 -7.69 0.56 -13.16
C HIS B 289 -7.78 1.47 -14.36
N THR B 290 -8.98 1.76 -14.82
CA THR B 290 -9.10 2.65 -15.93
C THR B 290 -8.57 4.01 -15.50
N LEU B 291 -8.96 4.47 -14.31
CA LEU B 291 -8.48 5.78 -13.85
C LEU B 291 -6.96 5.80 -13.67
N PHE B 292 -6.43 4.73 -13.12
CA PHE B 292 -5.04 4.70 -12.71
C PHE B 292 -4.08 4.52 -13.90
N GLY B 293 -4.47 3.73 -14.89
CA GLY B 293 -3.71 3.66 -16.14
C GLY B 293 -3.70 4.98 -16.89
N ILE B 294 -4.81 5.71 -16.89
CA ILE B 294 -4.90 7.02 -17.54
C ILE B 294 -4.11 8.05 -16.74
N ALA B 295 -4.19 7.94 -15.42
CA ALA B 295 -3.48 8.81 -14.50
C ALA B 295 -1.98 8.59 -14.61
N GLY B 296 -1.56 7.34 -14.81
CA GLY B 296 -0.15 7.02 -15.04
C GLY B 296 0.41 7.58 -16.34
N LEU B 297 -0.30 7.31 -17.44
CA LEU B 297 0.07 7.87 -18.76
C LEU B 297 0.21 9.38 -18.68
N SER B 298 -0.67 10.03 -17.93
CA SER B 298 -0.64 11.50 -17.76
C SER B 298 0.63 11.95 -17.10
N LEU B 299 0.97 11.33 -15.98
CA LEU B 299 2.24 11.58 -15.31
C LEU B 299 3.46 11.30 -16.23
N LEU B 300 3.32 10.33 -17.13
CA LEU B 300 4.40 10.00 -18.05
C LEU B 300 4.52 10.96 -19.24
N GLY B 301 3.75 12.05 -19.22
CA GLY B 301 3.79 13.08 -20.26
C GLY B 301 2.82 12.95 -21.46
N GLU B 302 1.81 12.09 -21.38
CA GLU B 302 0.92 11.88 -22.55
C GLU B 302 -0.03 13.06 -22.86
N GLU B 303 0.06 13.57 -24.09
CA GLU B 303 -0.52 14.88 -24.50
C GLU B 303 -2.08 14.99 -24.50
N GLN B 304 -2.77 13.93 -24.91
CA GLN B 304 -4.24 14.02 -25.00
C GLN B 304 -4.96 13.82 -23.65
N ILE B 305 -4.23 13.76 -22.53
CA ILE B 305 -4.84 13.69 -21.20
C ILE B 305 -4.35 14.86 -20.38
N LYS B 306 -5.22 15.42 -19.55
CA LYS B 306 -4.84 16.55 -18.73
C LYS B 306 -3.74 16.21 -17.68
N PRO B 307 -3.01 17.23 -17.23
CA PRO B 307 -2.07 17.00 -16.15
C PRO B 307 -2.76 16.61 -14.86
N VAL B 308 -2.28 15.52 -14.25
CA VAL B 308 -2.86 15.00 -13.03
C VAL B 308 -2.00 15.32 -11.81
N SER B 309 -2.59 15.88 -10.76
CA SER B 309 -1.84 16.02 -9.49
C SER B 309 -1.38 14.66 -8.98
N PRO B 310 -0.06 14.51 -8.69
CA PRO B 310 0.39 13.23 -8.12
C PRO B 310 0.01 13.04 -6.67
N VAL B 311 -0.37 14.11 -5.96
CA VAL B 311 -0.83 14.01 -4.56
C VAL B 311 -2.33 13.65 -4.45
N PHE B 312 -3.19 14.42 -5.08
CA PHE B 312 -4.66 14.26 -4.94
C PHE B 312 -5.30 13.42 -6.05
N CYS B 313 -4.51 13.06 -7.06
CA CYS B 313 -4.99 12.30 -8.19
C CYS B 313 -6.27 12.96 -8.73
N MET B 314 -6.15 14.25 -8.97
CA MET B 314 -7.16 15.03 -9.68
C MET B 314 -6.43 15.87 -10.71
N PRO B 315 -7.14 16.47 -11.67
CA PRO B 315 -6.42 17.32 -12.63
C PRO B 315 -5.81 18.54 -11.98
N GLU B 316 -4.56 18.85 -12.34
CA GLU B 316 -3.87 20.01 -11.77
C GLU B 316 -4.69 21.30 -11.83
N GLU B 317 -5.43 21.50 -12.91
CA GLU B 317 -6.20 22.74 -13.06
C GLU B 317 -7.29 22.91 -12.02
N VAL B 318 -7.91 21.82 -11.60
CA VAL B 318 -8.84 21.84 -10.44
C VAL B 318 -8.17 22.28 -9.13
N LEU B 319 -6.92 21.91 -8.95
CA LEU B 319 -6.23 22.21 -7.70
C LEU B 319 -5.69 23.64 -7.78
N GLN B 320 -5.08 24.02 -8.91
CA GLN B 320 -4.74 25.43 -9.17
C GLN B 320 -5.95 26.26 -8.81
N ARG B 321 -7.08 25.92 -9.40
CA ARG B 321 -8.31 26.65 -9.20
C ARG B 321 -8.73 26.79 -7.72
N VAL B 322 -8.39 25.83 -6.84
CA VAL B 322 -8.68 25.99 -5.37
C VAL B 322 -7.46 26.33 -4.50
N ASN B 323 -6.31 26.46 -5.18
CA ASN B 323 -5.08 26.96 -4.57
C ASN B 323 -4.51 26.06 -3.47
N VAL B 324 -4.56 24.76 -3.70
CA VAL B 324 -3.93 23.80 -2.78
C VAL B 324 -3.05 22.91 -3.64
N GLN B 325 -1.87 23.42 -3.94
CA GLN B 325 -0.89 22.69 -4.71
C GLN B 325 0.41 22.56 -3.91
N PRO B 326 0.54 21.49 -3.12
CA PRO B 326 1.76 21.33 -2.32
C PRO B 326 3.03 21.24 -3.17
N GLU B 327 4.14 21.70 -2.60
CA GLU B 327 5.46 21.60 -3.26
C GLU B 327 6.04 20.18 -3.13
N LEU B 328 6.54 19.66 -4.26
CA LEU B 328 7.08 18.30 -4.33
C LEU B 328 8.60 18.38 -4.19
N VAL B 329 9.33 17.27 -4.31
CA VAL B 329 10.78 17.37 -4.10
C VAL B 329 11.48 18.03 -5.29
N SER B 330 11.30 17.51 -6.51
CA SER B 330 11.81 18.16 -7.77
C SER B 330 11.85 17.21 -8.98
#